data_4GH5
#
_entry.id   4GH5
#
_cell.length_a   116.071
_cell.length_b   127.921
_cell.length_c   58.451
_cell.angle_alpha   90.00
_cell.angle_beta   90.00
_cell.angle_gamma   90.00
#
_symmetry.space_group_name_H-M   'P 21 21 2'
#
loop_
_entity.id
_entity.type
_entity.pdbx_description
1 polymer 'Short-chain dehydrogenase/reductase SDR'
2 non-polymer NICOTINAMIDE-ADENINE-DINUCLEOTIDE
3 non-polymer 'ACETATE ION'
4 water water
#
_entity_poly.entity_id   1
_entity_poly.type   'polypeptide(L)'
_entity_poly.pdbx_seq_one_letter_code
;MGSSHHHHHHSQDPMSNRLKNEVIAITGGGAGIGLAIASAALREGAKVALIDLDQGLAERSAAMLSTGGAVAKGFGADVT
KAADITAAITSAEQTIGSLTGLVNNAGIAGFGSVHDADAAAWDRIMAVNVTGTFLASKAALAGMLERHKGTIVNFGSVAG
LVGIPTMAAYCAAKGAIVNLTRQMAADYSGRGVRVNAVCPGTVTSTGMGQQLLGSDTSPEVQARRLAKYPIGRFGTPEDI
AEAVIFLLSDQAAFVTGAAFAVDGGMTAI
;
_entity_poly.pdbx_strand_id   A,B,C,D
#
# COMPACT_ATOMS: atom_id res chain seq x y z
N ASN A 17 29.64 -6.66 15.54
CA ASN A 17 30.02 -7.73 14.64
C ASN A 17 28.82 -8.30 13.85
N ARG A 18 27.83 -7.46 13.58
CA ARG A 18 26.61 -7.95 12.94
C ARG A 18 26.80 -8.37 11.50
N LEU A 19 27.90 -7.94 10.88
CA LEU A 19 28.20 -8.33 9.51
C LEU A 19 29.56 -9.02 9.39
N LYS A 20 29.97 -9.68 10.47
CA LYS A 20 31.19 -10.46 10.46
C LYS A 20 31.15 -11.47 9.31
N ASN A 21 32.25 -11.57 8.59
CA ASN A 21 32.36 -12.47 7.43
C ASN A 21 31.39 -12.15 6.28
N GLU A 22 30.86 -10.94 6.25
CA GLU A 22 30.09 -10.52 5.08
C GLU A 22 30.99 -9.74 4.14
N VAL A 23 30.68 -9.82 2.85
CA VAL A 23 31.39 -9.09 1.82
C VAL A 23 30.34 -8.34 1.03
N ILE A 24 30.35 -7.01 1.11
CA ILE A 24 29.26 -6.19 0.59
C ILE A 24 29.75 -5.26 -0.52
N ALA A 25 29.13 -5.33 -1.70
CA ALA A 25 29.38 -4.36 -2.77
C ALA A 25 28.31 -3.28 -2.70
N ILE A 26 28.72 -2.02 -2.81
CA ILE A 26 27.80 -0.88 -2.72
C ILE A 26 27.97 -0.01 -3.95
N THR A 27 26.96 -0.02 -4.82
CA THR A 27 27.04 0.86 -6.00
C THR A 27 26.74 2.28 -5.55
N GLY A 28 27.37 3.26 -6.20
CA GLY A 28 27.30 4.64 -5.75
C GLY A 28 27.95 4.81 -4.38
N GLY A 29 28.89 3.93 -4.05
CA GLY A 29 29.49 3.90 -2.73
C GLY A 29 30.50 4.99 -2.40
N GLY A 30 30.84 5.81 -3.39
CA GLY A 30 31.87 6.82 -3.20
C GLY A 30 31.49 8.02 -2.36
N ALA A 31 30.19 8.27 -2.21
CA ALA A 31 29.73 9.47 -1.51
C ALA A 31 28.32 9.25 -0.97
N GLY A 32 27.85 10.22 -0.18
CA GLY A 32 26.45 10.26 0.25
C GLY A 32 26.01 9.07 1.06
N ILE A 33 24.79 8.63 0.83
CA ILE A 33 24.23 7.49 1.56
C ILE A 33 25.07 6.23 1.36
N GLY A 34 25.55 6.01 0.13
CA GLY A 34 26.33 4.83 -0.17
C GLY A 34 27.59 4.78 0.68
N LEU A 35 28.24 5.93 0.84
CA LEU A 35 29.44 5.99 1.66
C LEU A 35 29.12 5.74 3.14
N ALA A 36 28.01 6.31 3.61
CA ALA A 36 27.56 6.04 4.97
C ALA A 36 27.23 4.56 5.22
N ILE A 37 26.67 3.89 4.22
CA ILE A 37 26.46 2.45 4.28
C ILE A 37 27.80 1.71 4.46
N ALA A 38 28.79 2.11 3.65
CA ALA A 38 30.10 1.49 3.75
C ALA A 38 30.69 1.64 5.15
N SER A 39 30.58 2.84 5.71
CA SER A 39 31.17 3.10 7.03
C SER A 39 30.51 2.20 8.09
N ALA A 40 29.18 2.13 8.06
CA ALA A 40 28.48 1.33 9.05
C ALA A 40 28.71 -0.17 8.84
N ALA A 41 28.84 -0.60 7.59
CA ALA A 41 29.11 -2.00 7.30
C ALA A 41 30.48 -2.41 7.83
N LEU A 42 31.48 -1.54 7.64
CA LEU A 42 32.81 -1.78 8.21
C LEU A 42 32.78 -1.82 9.74
N ARG A 43 32.00 -0.93 10.34
CA ARG A 43 31.82 -0.92 11.79
C ARG A 43 31.37 -2.29 12.27
N GLU A 44 30.51 -2.94 11.48
CA GLU A 44 29.92 -4.23 11.84
C GLU A 44 30.72 -5.43 11.35
N GLY A 45 31.91 -5.17 10.83
CA GLY A 45 32.85 -6.25 10.55
C GLY A 45 32.92 -6.75 9.11
N ALA A 46 32.17 -6.13 8.21
CA ALA A 46 32.15 -6.53 6.82
C ALA A 46 33.41 -6.06 6.11
N LYS A 47 33.71 -6.69 4.98
CA LYS A 47 34.60 -6.11 3.97
C LYS A 47 33.70 -5.48 2.90
N VAL A 48 34.12 -4.34 2.36
CA VAL A 48 33.26 -3.61 1.43
C VAL A 48 33.96 -3.25 0.13
N ALA A 49 33.19 -3.29 -0.96
CA ALA A 49 33.65 -2.78 -2.25
C ALA A 49 32.80 -1.57 -2.60
N LEU A 50 33.44 -0.42 -2.77
CA LEU A 50 32.73 0.77 -3.25
C LEU A 50 32.83 0.77 -4.76
N ILE A 51 31.69 0.77 -5.45
CA ILE A 51 31.68 0.78 -6.90
C ILE A 51 30.96 2.05 -7.32
N ASP A 52 31.65 2.94 -8.03
CA ASP A 52 31.09 4.25 -8.31
C ASP A 52 31.44 4.66 -9.73
N LEU A 53 30.57 5.45 -10.35
CA LEU A 53 30.79 5.98 -11.69
C LEU A 53 32.11 6.74 -11.70
N ASP A 54 32.37 7.41 -10.58
CA ASP A 54 33.58 8.19 -10.36
C ASP A 54 34.62 7.26 -9.72
N GLN A 55 35.52 6.73 -10.54
CA GLN A 55 36.53 5.80 -10.05
C GLN A 55 37.42 6.42 -8.98
N GLY A 56 37.89 7.64 -9.23
CA GLY A 56 38.75 8.33 -8.29
C GLY A 56 38.11 8.49 -6.93
N LEU A 57 36.84 8.86 -6.93
CA LEU A 57 36.07 9.00 -5.71
C LEU A 57 35.96 7.67 -4.97
N ALA A 58 35.63 6.60 -5.70
CA ALA A 58 35.56 5.27 -5.09
C ALA A 58 36.88 4.90 -4.41
N GLU A 59 37.99 5.17 -5.08
CA GLU A 59 39.30 4.81 -4.53
C GLU A 59 39.71 5.71 -3.35
N ARG A 60 39.46 7.00 -3.45
CA ARG A 60 39.78 7.92 -2.35
C ARG A 60 38.94 7.58 -1.13
N SER A 61 37.65 7.38 -1.34
CA SER A 61 36.79 7.03 -0.21
C SER A 61 37.17 5.68 0.41
N ALA A 62 37.52 4.69 -0.42
CA ALA A 62 37.92 3.40 0.13
C ALA A 62 39.20 3.53 0.97
N ALA A 63 40.12 4.37 0.52
CA ALA A 63 41.34 4.64 1.29
C ALA A 63 40.99 5.27 2.63
N MET A 64 40.08 6.23 2.60
CA MET A 64 39.68 6.95 3.78
C MET A 64 39.08 6.00 4.83
N LEU A 65 38.34 5.01 4.36
CA LEU A 65 37.63 4.08 5.23
C LEU A 65 38.49 2.95 5.81
N SER A 66 39.61 2.67 5.15
CA SER A 66 40.40 1.48 5.48
C SER A 66 41.35 1.71 6.65
N THR A 67 40.81 2.18 7.76
CA THR A 67 41.60 2.40 8.97
C THR A 67 41.30 1.35 10.02
N GLY A 68 42.27 1.11 10.90
CA GLY A 68 42.08 0.21 12.01
C GLY A 68 41.78 -1.22 11.60
N GLY A 69 42.31 -1.63 10.45
CA GLY A 69 42.13 -3.00 9.99
C GLY A 69 40.92 -3.18 9.09
N ALA A 70 40.09 -2.13 8.97
CA ALA A 70 38.91 -2.22 8.11
C ALA A 70 39.34 -2.35 6.67
N VAL A 71 38.61 -3.15 5.90
CA VAL A 71 38.95 -3.39 4.50
C VAL A 71 37.88 -2.87 3.56
N ALA A 72 38.22 -1.79 2.85
CA ALA A 72 37.37 -1.20 1.83
C ALA A 72 38.22 -1.01 0.59
N LYS A 73 37.68 -1.39 -0.56
CA LYS A 73 38.37 -1.23 -1.83
C LYS A 73 37.44 -0.56 -2.84
N GLY A 74 38.01 0.26 -3.71
CA GLY A 74 37.20 0.98 -4.67
C GLY A 74 37.35 0.51 -6.10
N PHE A 75 36.29 0.69 -6.88
CA PHE A 75 36.22 0.23 -8.26
C PHE A 75 35.36 1.20 -9.05
N GLY A 76 35.75 1.48 -10.30
CA GLY A 76 34.98 2.39 -11.14
C GLY A 76 34.09 1.60 -12.06
N ALA A 77 32.82 1.97 -12.13
CA ALA A 77 31.89 1.36 -13.08
C ALA A 77 30.61 2.18 -13.18
N ASP A 78 30.08 2.27 -14.39
CA ASP A 78 28.76 2.81 -14.62
C ASP A 78 27.79 1.63 -14.54
N VAL A 79 26.85 1.66 -13.59
CA VAL A 79 25.91 0.55 -13.42
C VAL A 79 25.02 0.33 -14.65
N THR A 80 24.98 1.29 -15.56
CA THR A 80 24.15 1.15 -16.76
C THR A 80 24.89 0.43 -17.89
N LYS A 81 26.17 0.14 -17.67
CA LYS A 81 26.98 -0.52 -18.68
C LYS A 81 27.29 -1.93 -18.19
N ALA A 82 26.57 -2.90 -18.75
CA ALA A 82 26.59 -4.27 -18.25
C ALA A 82 28.01 -4.81 -18.08
N ALA A 83 28.83 -4.66 -19.12
CA ALA A 83 30.18 -5.23 -19.05
C ALA A 83 31.03 -4.56 -17.97
N ASP A 84 30.84 -3.26 -17.76
CA ASP A 84 31.63 -2.53 -16.79
C ASP A 84 31.27 -2.89 -15.35
N ILE A 85 29.97 -2.91 -15.06
CA ILE A 85 29.54 -3.28 -13.71
C ILE A 85 29.87 -4.75 -13.40
N THR A 86 29.71 -5.61 -14.40
CA THR A 86 30.08 -7.01 -14.25
C THR A 86 31.58 -7.14 -13.97
N ALA A 87 32.41 -6.41 -14.71
CA ALA A 87 33.84 -6.48 -14.47
C ALA A 87 34.23 -5.97 -13.09
N ALA A 88 33.55 -4.92 -12.61
CA ALA A 88 33.85 -4.37 -11.29
C ALA A 88 33.51 -5.35 -10.17
N ILE A 89 32.35 -5.99 -10.28
CA ILE A 89 31.97 -6.99 -9.29
C ILE A 89 32.94 -8.18 -9.31
N THR A 90 33.36 -8.59 -10.50
CA THR A 90 34.36 -9.65 -10.60
C THR A 90 35.69 -9.25 -9.94
N SER A 91 36.16 -8.04 -10.22
CA SER A 91 37.39 -7.54 -9.60
C SER A 91 37.25 -7.43 -8.08
N ALA A 92 36.09 -6.96 -7.63
CA ALA A 92 35.82 -6.86 -6.20
C ALA A 92 35.94 -8.22 -5.55
N GLU A 93 35.33 -9.23 -6.14
CA GLU A 93 35.36 -10.57 -5.55
C GLU A 93 36.78 -11.16 -5.54
N GLN A 94 37.54 -10.86 -6.58
CA GLN A 94 38.93 -11.30 -6.64
C GLN A 94 39.76 -10.66 -5.53
N THR A 95 39.33 -9.48 -5.09
CA THR A 95 40.08 -8.66 -4.14
C THR A 95 39.67 -8.86 -2.69
N ILE A 96 38.37 -8.99 -2.44
CA ILE A 96 37.86 -9.05 -1.07
C ILE A 96 37.00 -10.28 -0.78
N GLY A 97 36.80 -11.11 -1.80
CA GLY A 97 36.07 -12.35 -1.59
C GLY A 97 34.70 -12.36 -2.25
N SER A 98 34.13 -13.55 -2.37
CA SER A 98 32.80 -13.71 -2.95
C SER A 98 31.77 -12.86 -2.23
N LEU A 99 30.89 -12.20 -2.99
CA LEU A 99 29.91 -11.32 -2.37
C LEU A 99 28.89 -12.08 -1.54
N THR A 100 28.52 -11.50 -0.42
CA THR A 100 27.37 -11.98 0.33
C THR A 100 26.25 -10.94 0.30
N GLY A 101 26.58 -9.70 -0.03
CA GLY A 101 25.60 -8.64 -0.10
C GLY A 101 25.85 -7.64 -1.22
N LEU A 102 24.77 -7.09 -1.76
CA LEU A 102 24.82 -6.04 -2.78
C LEU A 102 23.83 -4.95 -2.41
N VAL A 103 24.30 -3.71 -2.37
CA VAL A 103 23.44 -2.57 -2.19
C VAL A 103 23.40 -1.76 -3.48
N ASN A 104 22.23 -1.73 -4.11
CA ASN A 104 22.03 -0.97 -5.33
C ASN A 104 21.68 0.48 -4.98
N ASN A 105 22.66 1.21 -4.48
CA ASN A 105 22.44 2.56 -3.99
C ASN A 105 22.59 3.63 -5.09
N ALA A 106 23.36 3.33 -6.15
CA ALA A 106 23.52 4.28 -7.25
C ALA A 106 22.17 4.73 -7.78
N GLY A 107 22.01 6.03 -7.93
CA GLY A 107 20.79 6.59 -8.46
C GLY A 107 21.05 8.05 -8.80
N ILE A 108 20.27 8.58 -9.73
CA ILE A 108 20.29 10.01 -9.96
C ILE A 108 18.86 10.52 -9.94
N ALA A 109 18.73 11.83 -9.75
CA ALA A 109 17.44 12.48 -9.74
C ALA A 109 17.48 13.64 -10.72
N GLY A 110 16.32 14.25 -10.93
CA GLY A 110 16.22 15.40 -11.81
C GLY A 110 14.78 15.87 -11.80
N PHE A 111 14.54 16.99 -12.45
CA PHE A 111 13.21 17.60 -12.50
C PHE A 111 12.63 17.55 -13.90
N GLY A 112 11.31 17.63 -13.97
CA GLY A 112 10.61 17.55 -15.23
C GLY A 112 9.30 16.82 -15.02
N SER A 113 8.21 17.44 -15.48
CA SER A 113 6.89 16.82 -15.39
C SER A 113 6.62 16.10 -16.71
N VAL A 114 5.57 15.30 -16.77
CA VAL A 114 5.27 14.60 -18.03
C VAL A 114 5.17 15.55 -19.22
N HIS A 115 4.61 16.74 -19.02
CA HIS A 115 4.35 17.61 -20.16
C HIS A 115 5.59 18.31 -20.70
N ASP A 116 6.64 18.42 -19.88
CA ASP A 116 7.80 19.21 -20.30
C ASP A 116 9.15 18.53 -20.08
N ALA A 117 9.15 17.29 -19.60
CA ALA A 117 10.42 16.64 -19.29
C ALA A 117 11.21 16.33 -20.57
N ASP A 118 12.53 16.45 -20.49
CA ASP A 118 13.33 16.05 -21.63
C ASP A 118 13.46 14.54 -21.68
N ALA A 119 13.14 13.98 -22.85
CA ALA A 119 13.13 12.54 -23.07
C ALA A 119 14.49 11.89 -22.81
N ALA A 120 15.58 12.58 -23.15
CA ALA A 120 16.90 12.03 -22.88
C ALA A 120 17.20 11.99 -21.38
N ALA A 121 16.85 13.07 -20.67
CA ALA A 121 17.01 13.09 -19.22
C ALA A 121 16.16 12.01 -18.56
N TRP A 122 14.95 11.82 -19.09
CA TRP A 122 14.04 10.77 -18.60
C TRP A 122 14.74 9.43 -18.71
N ASP A 123 15.26 9.13 -19.89
CA ASP A 123 15.92 7.85 -20.13
C ASP A 123 17.12 7.63 -19.20
N ARG A 124 17.88 8.68 -18.95
CA ARG A 124 19.07 8.55 -18.11
C ARG A 124 18.70 8.29 -16.65
N ILE A 125 17.66 8.96 -16.16
CA ILE A 125 17.15 8.71 -14.81
C ILE A 125 16.64 7.28 -14.67
N MET A 126 15.87 6.81 -15.65
CA MET A 126 15.40 5.44 -15.61
C MET A 126 16.57 4.47 -15.69
N ALA A 127 17.58 4.81 -16.49
CA ALA A 127 18.69 3.90 -16.71
C ALA A 127 19.51 3.69 -15.44
N VAL A 128 19.94 4.78 -14.81
CA VAL A 128 20.81 4.65 -13.64
C VAL A 128 20.09 3.93 -12.51
N ASN A 129 18.87 4.36 -12.23
CA ASN A 129 18.06 3.75 -11.18
C ASN A 129 17.61 2.33 -11.49
N VAL A 130 16.81 2.19 -12.54
CA VAL A 130 16.18 0.90 -12.82
C VAL A 130 17.12 -0.07 -13.51
N THR A 131 17.67 0.34 -14.65
CA THR A 131 18.59 -0.52 -15.38
C THR A 131 19.83 -0.86 -14.56
N GLY A 132 20.32 0.10 -13.77
CA GLY A 132 21.47 -0.15 -12.92
C GLY A 132 21.18 -1.20 -11.85
N THR A 133 19.99 -1.14 -11.28
CA THR A 133 19.57 -2.13 -10.29
C THR A 133 19.51 -3.51 -10.94
N PHE A 134 18.95 -3.56 -12.15
CA PHE A 134 18.89 -4.79 -12.92
C PHE A 134 20.29 -5.34 -13.23
N LEU A 135 21.14 -4.51 -13.81
CA LEU A 135 22.44 -5.01 -14.28
C LEU A 135 23.40 -5.37 -13.16
N ALA A 136 23.44 -4.56 -12.10
CA ALA A 136 24.31 -4.91 -10.98
C ALA A 136 23.82 -6.18 -10.30
N SER A 137 22.50 -6.32 -10.16
CA SER A 137 21.93 -7.52 -9.53
C SER A 137 22.23 -8.74 -10.38
N LYS A 138 22.09 -8.57 -11.70
CA LYS A 138 22.33 -9.67 -12.63
C LYS A 138 23.75 -10.20 -12.45
N ALA A 139 24.71 -9.27 -12.35
CA ALA A 139 26.10 -9.66 -12.17
C ALA A 139 26.31 -10.40 -10.86
N ALA A 140 25.76 -9.86 -9.78
CA ALA A 140 25.92 -10.45 -8.46
C ALA A 140 25.18 -11.78 -8.27
N LEU A 141 24.03 -11.91 -8.94
CA LEU A 141 23.18 -13.08 -8.74
C LEU A 141 23.81 -14.40 -9.21
N ALA A 142 24.69 -14.34 -10.20
CA ALA A 142 25.35 -15.56 -10.67
C ALA A 142 25.99 -16.28 -9.49
N GLY A 143 26.88 -15.57 -8.80
CA GLY A 143 27.57 -16.10 -7.64
C GLY A 143 26.68 -16.37 -6.44
N MET A 144 25.79 -15.43 -6.13
CA MET A 144 24.92 -15.61 -4.98
C MET A 144 23.99 -16.82 -5.11
N LEU A 145 23.47 -17.05 -6.31
CA LEU A 145 22.58 -18.19 -6.52
C LEU A 145 23.38 -19.48 -6.48
N GLU A 146 24.58 -19.46 -7.06
CA GLU A 146 25.46 -20.63 -7.01
C GLU A 146 25.71 -21.05 -5.57
N ARG A 147 25.92 -20.06 -4.70
CA ARG A 147 26.24 -20.31 -3.29
C ARG A 147 25.01 -20.42 -2.40
N HIS A 148 23.83 -20.25 -2.99
CA HIS A 148 22.56 -20.24 -2.24
C HIS A 148 22.59 -19.29 -1.06
N LYS A 149 23.21 -18.12 -1.27
CA LYS A 149 23.35 -17.16 -0.20
C LYS A 149 23.58 -15.74 -0.72
N GLY A 150 22.70 -14.83 -0.36
CA GLY A 150 22.94 -13.43 -0.67
C GLY A 150 21.87 -12.56 -0.07
N THR A 151 22.14 -11.27 0.00
CA THR A 151 21.15 -10.30 0.41
C THR A 151 21.33 -9.07 -0.48
N ILE A 152 20.24 -8.58 -1.08
CA ILE A 152 20.31 -7.45 -1.98
C ILE A 152 19.39 -6.37 -1.43
N VAL A 153 19.94 -5.16 -1.28
CA VAL A 153 19.15 -4.03 -0.82
C VAL A 153 19.06 -3.01 -1.94
N ASN A 154 17.84 -2.80 -2.42
CA ASN A 154 17.57 -1.81 -3.47
C ASN A 154 17.18 -0.49 -2.86
N PHE A 155 17.31 0.56 -3.66
CA PHE A 155 16.99 1.91 -3.20
C PHE A 155 15.75 2.48 -3.85
N GLY A 156 14.64 2.35 -3.13
CA GLY A 156 13.46 3.12 -3.42
C GLY A 156 13.59 4.52 -2.84
N SER A 157 12.45 5.10 -2.45
CA SER A 157 12.37 6.43 -1.88
C SER A 157 10.92 6.63 -1.49
N VAL A 158 10.65 7.64 -0.67
CA VAL A 158 9.28 8.11 -0.55
C VAL A 158 8.77 8.45 -1.95
N ALA A 159 9.66 8.93 -2.81
CA ALA A 159 9.32 9.26 -4.20
C ALA A 159 8.98 8.04 -5.06
N GLY A 160 9.18 6.84 -4.52
CA GLY A 160 8.79 5.62 -5.19
C GLY A 160 7.46 5.09 -4.72
N LEU A 161 6.93 5.68 -3.65
CA LEU A 161 5.70 5.22 -3.01
C LEU A 161 4.56 6.20 -3.23
N VAL A 162 4.89 7.49 -3.27
CA VAL A 162 3.92 8.53 -3.60
C VAL A 162 4.45 9.45 -4.68
N GLY A 163 3.58 10.32 -5.17
CA GLY A 163 3.95 11.28 -6.20
C GLY A 163 4.58 12.55 -5.67
N ILE A 164 5.65 12.99 -6.32
CA ILE A 164 6.35 14.21 -5.95
C ILE A 164 6.24 15.21 -7.10
N PRO A 165 5.72 16.41 -6.82
CA PRO A 165 5.59 17.40 -7.90
C PRO A 165 6.88 17.60 -8.68
N THR A 166 6.75 17.67 -10.00
CA THR A 166 7.84 18.01 -10.93
C THR A 166 8.97 16.98 -11.01
N MET A 167 8.70 15.74 -10.59
CA MET A 167 9.73 14.70 -10.69
C MET A 167 9.18 13.43 -11.33
N ALA A 168 8.71 13.54 -12.56
CA ALA A 168 8.06 12.42 -13.23
C ALA A 168 8.97 11.21 -13.46
N ALA A 169 10.12 11.40 -14.10
CA ALA A 169 11.00 10.26 -14.37
C ALA A 169 11.49 9.59 -13.09
N TYR A 170 11.82 10.41 -12.09
CA TYR A 170 12.38 9.91 -10.84
C TYR A 170 11.32 9.11 -10.08
N CYS A 171 10.08 9.59 -10.08
CA CYS A 171 9.02 8.86 -9.38
C CYS A 171 8.71 7.58 -10.12
N ALA A 172 8.81 7.61 -11.45
CA ALA A 172 8.64 6.39 -12.23
C ALA A 172 9.76 5.39 -11.91
N ALA A 173 10.99 5.87 -11.89
CA ALA A 173 12.14 4.99 -11.63
C ALA A 173 12.06 4.37 -10.24
N LYS A 174 11.79 5.17 -9.23
CA LYS A 174 11.75 4.65 -7.87
C LYS A 174 10.53 3.75 -7.67
N GLY A 175 9.44 4.05 -8.37
CA GLY A 175 8.28 3.16 -8.38
C GLY A 175 8.64 1.81 -8.98
N ALA A 176 9.40 1.83 -10.07
CA ALA A 176 9.86 0.59 -10.69
C ALA A 176 10.71 -0.22 -9.71
N ILE A 177 11.62 0.44 -9.01
CA ILE A 177 12.49 -0.25 -8.08
C ILE A 177 11.70 -0.89 -6.95
N VAL A 178 10.72 -0.17 -6.43
CA VAL A 178 9.87 -0.73 -5.37
C VAL A 178 9.21 -2.05 -5.77
N ASN A 179 8.58 -2.09 -6.94
CA ASN A 179 7.94 -3.35 -7.33
C ASN A 179 8.91 -4.39 -7.89
N LEU A 180 9.98 -3.94 -8.55
CA LEU A 180 11.01 -4.88 -8.98
C LEU A 180 11.58 -5.64 -7.78
N THR A 181 11.68 -4.96 -6.65
CA THR A 181 12.15 -5.59 -5.42
C THR A 181 11.23 -6.72 -5.02
N ARG A 182 9.93 -6.48 -5.09
CA ARG A 182 8.94 -7.52 -4.79
C ARG A 182 9.12 -8.69 -5.75
N GLN A 183 9.29 -8.39 -7.02
CA GLN A 183 9.44 -9.42 -8.03
C GLN A 183 10.69 -10.26 -7.81
N MET A 184 11.80 -9.61 -7.50
CA MET A 184 13.07 -10.30 -7.24
C MET A 184 12.96 -11.18 -6.00
N ALA A 185 12.30 -10.67 -4.96
CA ALA A 185 12.08 -11.48 -3.76
C ALA A 185 11.25 -12.73 -4.08
N ALA A 186 10.25 -12.58 -4.94
CA ALA A 186 9.43 -13.72 -5.36
C ALA A 186 10.27 -14.80 -6.03
N ASP A 187 11.22 -14.38 -6.87
CA ASP A 187 12.08 -15.33 -7.58
C ASP A 187 13.13 -15.97 -6.68
N TYR A 188 13.73 -15.19 -5.79
CA TYR A 188 15.00 -15.61 -5.19
C TYR A 188 15.01 -15.94 -3.71
N SER A 189 13.98 -15.54 -2.97
CA SER A 189 13.96 -15.75 -1.53
C SER A 189 14.11 -17.22 -1.16
N GLY A 190 13.45 -18.08 -1.93
CA GLY A 190 13.50 -19.51 -1.70
C GLY A 190 14.79 -20.14 -2.18
N ARG A 191 15.62 -19.36 -2.85
CA ARG A 191 16.90 -19.86 -3.37
C ARG A 191 18.07 -19.30 -2.56
N GLY A 192 17.77 -18.69 -1.42
CA GLY A 192 18.81 -18.23 -0.51
C GLY A 192 19.21 -16.76 -0.64
N VAL A 193 18.52 -16.03 -1.50
CA VAL A 193 18.85 -14.60 -1.69
C VAL A 193 17.67 -13.71 -1.31
N ARG A 194 17.79 -12.98 -0.20
CA ARG A 194 16.77 -12.02 0.20
C ARG A 194 16.91 -10.74 -0.61
N VAL A 195 15.78 -10.14 -0.96
CA VAL A 195 15.83 -8.88 -1.72
C VAL A 195 14.84 -7.91 -1.08
N ASN A 196 15.33 -6.75 -0.62
CA ASN A 196 14.48 -5.74 0.04
C ASN A 196 14.78 -4.36 -0.53
N ALA A 197 13.90 -3.40 -0.26
CA ALA A 197 14.15 -2.03 -0.70
C ALA A 197 14.03 -1.12 0.50
N VAL A 198 15.03 -0.27 0.70
CA VAL A 198 14.87 0.80 1.66
C VAL A 198 14.23 1.97 0.89
N CYS A 199 13.28 2.63 1.52
CA CYS A 199 12.63 3.79 0.91
C CYS A 199 12.85 5.00 1.80
N PRO A 200 13.98 5.70 1.58
CA PRO A 200 14.31 6.85 2.42
C PRO A 200 13.44 8.06 2.12
N GLY A 201 13.19 8.86 3.15
CA GLY A 201 12.74 10.22 2.95
C GLY A 201 13.91 11.13 2.61
N THR A 202 13.62 12.41 2.45
CA THR A 202 14.61 13.42 2.13
C THR A 202 15.83 13.35 3.05
N VAL A 203 17.01 13.29 2.43
CA VAL A 203 18.29 13.39 3.11
C VAL A 203 18.99 14.58 2.47
N THR A 204 19.04 15.69 3.21
CA THR A 204 19.47 16.98 2.68
C THR A 204 20.96 17.07 2.33
N SER A 205 21.80 16.41 3.11
CA SER A 205 23.23 16.73 3.12
C SER A 205 24.06 16.14 1.98
N THR A 206 23.50 15.19 1.24
CA THR A 206 24.25 14.57 0.14
C THR A 206 24.24 15.44 -1.11
N GLY A 207 25.05 15.06 -2.08
CA GLY A 207 25.05 15.72 -3.37
C GLY A 207 23.65 15.81 -3.97
N MET A 208 22.90 14.70 -3.92
CA MET A 208 21.54 14.70 -4.41
C MET A 208 20.64 15.58 -3.57
N GLY A 209 20.82 15.54 -2.25
CA GLY A 209 20.02 16.36 -1.35
C GLY A 209 20.20 17.84 -1.66
N GLN A 210 21.44 18.23 -1.93
CA GLN A 210 21.74 19.62 -2.28
C GLN A 210 21.18 19.98 -3.66
N GLN A 211 21.29 19.02 -4.58
CA GLN A 211 20.78 19.22 -5.94
C GLN A 211 19.29 19.56 -5.95
N LEU A 212 18.55 18.92 -5.05
CA LEU A 212 17.10 19.02 -5.08
C LEU A 212 16.54 20.14 -4.20
N LEU A 213 17.41 20.83 -3.47
CA LEU A 213 17.01 22.00 -2.70
C LEU A 213 16.49 23.08 -3.65
N PRO A 219 11.95 29.48 1.99
CA PRO A 219 11.74 29.66 3.43
C PRO A 219 10.36 29.15 3.85
N GLU A 220 9.32 29.77 3.31
CA GLU A 220 7.97 29.28 3.49
C GLU A 220 7.82 27.97 2.76
N VAL A 221 8.40 27.89 1.56
CA VAL A 221 8.42 26.65 0.80
C VAL A 221 9.25 25.59 1.52
N GLN A 222 10.26 26.05 2.27
CA GLN A 222 11.07 25.16 3.09
C GLN A 222 10.26 24.60 4.24
N ALA A 223 9.51 25.47 4.90
CA ALA A 223 8.69 25.08 6.05
C ALA A 223 7.57 24.11 5.65
N ARG A 224 7.00 24.32 4.46
CA ARG A 224 5.98 23.41 3.95
C ARG A 224 6.55 22.03 3.66
N ARG A 225 7.77 21.99 3.13
CA ARG A 225 8.42 20.71 2.85
C ARG A 225 8.71 19.96 4.15
N LEU A 226 9.19 20.68 5.15
CA LEU A 226 9.49 20.07 6.44
C LEU A 226 8.22 19.57 7.11
N ALA A 227 7.09 20.22 6.81
CA ALA A 227 5.83 19.88 7.44
C ALA A 227 5.29 18.54 6.96
N LYS A 228 5.83 18.03 5.86
CA LYS A 228 5.46 16.72 5.34
C LYS A 228 6.13 15.61 6.13
N TYR A 229 7.01 15.99 7.05
CA TYR A 229 7.78 15.02 7.85
C TYR A 229 7.38 15.09 9.31
N PRO A 230 6.54 14.15 9.78
CA PRO A 230 6.07 14.15 11.17
C PRO A 230 7.19 14.27 12.20
N ILE A 231 8.34 13.64 11.94
CA ILE A 231 9.43 13.68 12.90
C ILE A 231 10.04 15.08 13.11
N GLY A 232 9.82 15.99 12.16
CA GLY A 232 10.20 17.38 12.34
C GLY A 232 11.60 17.70 11.89
N ARG A 233 12.20 16.77 11.15
CA ARG A 233 13.52 16.96 10.57
C ARG A 233 13.64 16.06 9.34
N PHE A 234 14.62 16.36 8.49
CA PHE A 234 14.94 15.45 7.40
C PHE A 234 15.94 14.39 7.85
N GLY A 235 16.21 13.42 6.99
CA GLY A 235 17.08 12.31 7.34
C GLY A 235 18.56 12.63 7.15
N THR A 236 19.41 11.85 7.82
CA THR A 236 20.85 11.89 7.58
C THR A 236 21.27 10.62 6.83
N PRO A 237 22.44 10.67 6.16
CA PRO A 237 22.90 9.44 5.49
C PRO A 237 23.06 8.30 6.49
N GLU A 238 23.47 8.64 7.71
CA GLU A 238 23.63 7.66 8.77
C GLU A 238 22.28 7.00 9.14
N ASP A 239 21.20 7.78 9.16
CA ASP A 239 19.87 7.23 9.47
C ASP A 239 19.54 6.12 8.47
N ILE A 240 19.80 6.39 7.21
CA ILE A 240 19.43 5.44 6.18
C ILE A 240 20.36 4.24 6.22
N ALA A 241 21.64 4.50 6.44
CA ALA A 241 22.64 3.44 6.49
C ALA A 241 22.29 2.38 7.55
N GLU A 242 21.79 2.81 8.70
CA GLU A 242 21.46 1.85 9.75
C GLU A 242 20.38 0.85 9.31
N ALA A 243 19.39 1.33 8.56
CA ALA A 243 18.33 0.46 8.07
C ALA A 243 18.90 -0.53 7.07
N VAL A 244 19.80 -0.06 6.22
CA VAL A 244 20.42 -0.94 5.22
C VAL A 244 21.26 -2.00 5.92
N ILE A 245 22.00 -1.61 6.95
CA ILE A 245 22.84 -2.56 7.68
C ILE A 245 21.96 -3.64 8.34
N PHE A 246 20.83 -3.25 8.90
CA PHE A 246 19.90 -4.26 9.42
C PHE A 246 19.46 -5.23 8.32
N LEU A 247 19.07 -4.71 7.17
CA LEU A 247 18.56 -5.57 6.09
C LEU A 247 19.63 -6.52 5.55
N LEU A 248 20.88 -6.06 5.54
CA LEU A 248 21.99 -6.89 5.07
C LEU A 248 22.34 -8.01 6.03
N SER A 249 21.97 -7.85 7.30
CA SER A 249 22.44 -8.73 8.36
C SER A 249 21.61 -9.99 8.46
N ASP A 250 22.20 -11.04 9.02
CA ASP A 250 21.48 -12.30 9.19
C ASP A 250 20.42 -12.22 10.28
N GLN A 251 20.41 -11.13 11.04
CA GLN A 251 19.32 -10.89 11.99
C GLN A 251 18.01 -10.58 11.25
N ALA A 252 18.13 -10.22 9.97
CA ALA A 252 16.96 -9.98 9.14
C ALA A 252 16.62 -11.18 8.26
N ALA A 253 16.92 -12.38 8.75
CA ALA A 253 16.79 -13.59 7.93
C ALA A 253 15.39 -13.86 7.37
N PHE A 254 14.37 -13.32 8.02
CA PHE A 254 12.98 -13.53 7.58
C PHE A 254 12.45 -12.30 6.84
N VAL A 255 13.29 -11.29 6.65
CA VAL A 255 12.86 -10.08 5.95
C VAL A 255 13.25 -10.17 4.47
N THR A 256 12.23 -10.23 3.62
CA THR A 256 12.48 -10.25 2.18
C THR A 256 11.23 -9.74 1.46
N GLY A 257 11.46 -9.01 0.37
CA GLY A 257 10.38 -8.40 -0.38
C GLY A 257 9.80 -7.13 0.22
N ALA A 258 10.39 -6.65 1.33
CA ALA A 258 9.87 -5.48 2.01
C ALA A 258 10.26 -4.18 1.34
N ALA A 259 9.33 -3.23 1.33
CA ALA A 259 9.64 -1.84 1.01
C ALA A 259 9.64 -1.09 2.33
N PHE A 260 10.83 -0.92 2.91
CA PHE A 260 10.99 -0.45 4.29
C PHE A 260 11.13 1.07 4.28
N ALA A 261 10.09 1.74 4.77
CA ALA A 261 10.06 3.20 4.81
C ALA A 261 10.91 3.72 5.97
N VAL A 262 11.93 4.49 5.61
CA VAL A 262 12.85 5.09 6.56
C VAL A 262 12.79 6.59 6.26
N ASP A 263 11.73 7.22 6.76
CA ASP A 263 11.29 8.47 6.17
C ASP A 263 10.71 9.50 7.13
N GLY A 264 10.99 9.31 8.42
CA GLY A 264 10.51 10.23 9.45
C GLY A 264 9.00 10.40 9.46
N GLY A 265 8.28 9.42 8.94
CA GLY A 265 6.83 9.44 8.96
C GLY A 265 6.15 9.95 7.69
N MET A 266 6.93 10.35 6.70
CA MET A 266 6.36 11.02 5.52
C MET A 266 5.22 10.21 4.89
N THR A 267 5.46 8.92 4.65
CA THR A 267 4.44 8.11 3.98
C THR A 267 3.34 7.64 4.93
N ALA A 268 3.46 7.97 6.22
CA ALA A 268 2.41 7.62 7.17
C ALA A 268 1.27 8.64 7.20
N ILE A 269 1.46 9.78 6.55
CA ILE A 269 0.43 10.82 6.51
C ILE A 269 0.09 11.27 5.10
N ASN B 17 -25.17 7.51 -21.99
CA ASN B 17 -24.59 8.80 -22.35
C ASN B 17 -23.51 9.28 -21.39
N ARG B 18 -22.84 8.36 -20.72
CA ARG B 18 -21.88 8.76 -19.69
C ARG B 18 -20.65 9.49 -20.22
N LEU B 19 -20.38 9.33 -21.51
CA LEU B 19 -19.23 10.01 -22.13
C LEU B 19 -19.67 10.90 -23.28
N LYS B 20 -20.86 11.47 -23.16
CA LYS B 20 -21.35 12.41 -24.16
C LYS B 20 -20.35 13.56 -24.36
N ASN B 21 -20.06 13.87 -25.62
CA ASN B 21 -19.15 14.95 -25.98
C ASN B 21 -17.71 14.73 -25.49
N GLU B 22 -17.36 13.51 -25.15
CA GLU B 22 -15.98 13.19 -24.81
C GLU B 22 -15.27 12.69 -26.06
N VAL B 23 -13.96 12.92 -26.12
CA VAL B 23 -13.13 12.51 -27.25
C VAL B 23 -11.94 11.80 -26.64
N ILE B 24 -11.86 10.50 -26.87
CA ILE B 24 -10.91 9.64 -26.16
C ILE B 24 -9.93 8.98 -27.13
N ALA B 25 -8.64 9.17 -26.89
CA ALA B 25 -7.60 8.46 -27.62
C ALA B 25 -7.18 7.25 -26.80
N ILE B 26 -7.05 6.10 -27.47
CA ILE B 26 -6.73 4.86 -26.80
C ILE B 26 -5.51 4.23 -27.48
N THR B 27 -4.37 4.22 -26.80
CA THR B 27 -3.20 3.57 -27.38
C THR B 27 -3.35 2.05 -27.27
N GLY B 28 -2.80 1.32 -28.23
CA GLY B 28 -3.05 -0.11 -28.30
C GLY B 28 -4.51 -0.43 -28.55
N GLY B 29 -5.20 0.48 -29.21
CA GLY B 29 -6.65 0.38 -29.37
C GLY B 29 -7.16 -0.62 -30.39
N GLY B 30 -6.25 -1.22 -31.17
CA GLY B 30 -6.68 -2.09 -32.26
C GLY B 30 -7.18 -3.46 -31.85
N ALA B 31 -6.85 -3.89 -30.63
CA ALA B 31 -7.19 -5.23 -30.19
C ALA B 31 -7.23 -5.32 -28.67
N GLY B 32 -7.71 -6.45 -28.16
CA GLY B 32 -7.64 -6.75 -26.73
C GLY B 32 -8.40 -5.78 -25.84
N ILE B 33 -7.83 -5.48 -24.68
CA ILE B 33 -8.47 -4.56 -23.74
C ILE B 33 -8.72 -3.18 -24.35
N GLY B 34 -7.75 -2.70 -25.15
CA GLY B 34 -7.90 -1.38 -25.77
C GLY B 34 -9.14 -1.32 -26.64
N LEU B 35 -9.38 -2.38 -27.41
CA LEU B 35 -10.55 -2.44 -28.28
C LEU B 35 -11.85 -2.51 -27.48
N ALA B 36 -11.82 -3.26 -26.37
CA ALA B 36 -12.99 -3.31 -25.50
C ALA B 36 -13.29 -1.94 -24.87
N ILE B 37 -12.26 -1.22 -24.48
CA ILE B 37 -12.43 0.16 -24.00
C ILE B 37 -13.09 1.01 -25.09
N ALA B 38 -12.63 0.88 -26.33
CA ALA B 38 -13.22 1.61 -27.44
C ALA B 38 -14.71 1.32 -27.59
N SER B 39 -15.05 0.03 -27.57
CA SER B 39 -16.45 -0.37 -27.70
C SER B 39 -17.33 0.23 -26.62
N ALA B 40 -16.87 0.14 -25.36
CA ALA B 40 -17.62 0.67 -24.24
C ALA B 40 -17.71 2.19 -24.27
N ALA B 41 -16.64 2.85 -24.73
CA ALA B 41 -16.64 4.32 -24.76
C ALA B 41 -17.63 4.83 -25.81
N LEU B 42 -17.69 4.14 -26.95
CA LEU B 42 -18.67 4.44 -28.00
C LEU B 42 -20.10 4.20 -27.50
N ARG B 43 -20.28 3.14 -26.73
CA ARG B 43 -21.57 2.86 -26.11
C ARG B 43 -22.05 4.06 -25.30
N GLU B 44 -21.10 4.72 -24.64
CA GLU B 44 -21.41 5.84 -23.76
C GLU B 44 -21.38 7.19 -24.45
N GLY B 45 -21.24 7.18 -25.77
CA GLY B 45 -21.37 8.39 -26.56
C GLY B 45 -20.09 9.13 -26.91
N ALA B 46 -18.94 8.57 -26.56
CA ALA B 46 -17.67 9.20 -26.93
C ALA B 46 -17.38 9.03 -28.41
N LYS B 47 -16.54 9.92 -28.94
CA LYS B 47 -15.82 9.66 -30.17
C LYS B 47 -14.47 9.10 -29.77
N VAL B 48 -13.98 8.10 -30.50
CA VAL B 48 -12.72 7.45 -30.11
C VAL B 48 -11.67 7.43 -31.20
N ALA B 49 -10.41 7.58 -30.79
CA ALA B 49 -9.27 7.39 -31.67
C ALA B 49 -8.53 6.14 -31.25
N LEU B 50 -8.42 5.18 -32.15
CA LEU B 50 -7.68 3.96 -31.89
C LEU B 50 -6.26 4.18 -32.40
N ILE B 51 -5.30 4.26 -31.49
CA ILE B 51 -3.91 4.45 -31.93
C ILE B 51 -3.12 3.18 -31.69
N ASP B 52 -2.67 2.53 -32.76
CA ASP B 52 -2.02 1.23 -32.60
C ASP B 52 -0.73 1.15 -33.40
N LEU B 53 0.23 0.36 -32.92
CA LEU B 53 1.46 0.10 -33.68
C LEU B 53 1.11 -0.48 -35.04
N ASP B 54 0.04 -1.28 -35.04
CA ASP B 54 -0.45 -1.92 -36.26
C ASP B 54 -1.53 -1.01 -36.86
N GLN B 55 -1.14 -0.22 -37.86
CA GLN B 55 -2.04 0.77 -38.42
C GLN B 55 -3.24 0.15 -39.12
N GLY B 56 -3.00 -0.88 -39.91
CA GLY B 56 -4.08 -1.56 -40.61
C GLY B 56 -5.11 -2.10 -39.65
N LEU B 57 -4.62 -2.67 -38.55
CA LEU B 57 -5.50 -3.19 -37.52
C LEU B 57 -6.31 -2.06 -36.88
N ALA B 58 -5.67 -0.94 -36.59
CA ALA B 58 -6.37 0.22 -36.03
C ALA B 58 -7.49 0.66 -36.96
N GLU B 59 -7.18 0.75 -38.25
CA GLU B 59 -8.17 1.16 -39.24
C GLU B 59 -9.32 0.15 -39.39
N ARG B 60 -8.97 -1.14 -39.46
CA ARG B 60 -9.99 -2.15 -39.62
C ARG B 60 -10.91 -2.24 -38.40
N SER B 61 -10.31 -2.19 -37.21
CA SER B 61 -11.08 -2.19 -35.97
C SER B 61 -11.99 -0.96 -35.84
N ALA B 62 -11.47 0.22 -36.20
CA ALA B 62 -12.24 1.44 -36.12
C ALA B 62 -13.45 1.37 -37.04
N ALA B 63 -13.24 0.84 -38.26
CA ALA B 63 -14.36 0.71 -39.19
C ALA B 63 -15.42 -0.25 -38.66
N MET B 64 -14.97 -1.34 -38.05
CA MET B 64 -15.86 -2.35 -37.50
C MET B 64 -16.73 -1.73 -36.41
N LEU B 65 -16.14 -0.82 -35.63
CA LEU B 65 -16.85 -0.18 -34.52
C LEU B 65 -17.77 0.96 -34.95
N SER B 66 -17.56 1.47 -36.15
CA SER B 66 -18.28 2.67 -36.58
C SER B 66 -19.65 2.36 -37.16
N THR B 67 -20.55 1.90 -36.30
CA THR B 67 -21.91 1.58 -36.69
C THR B 67 -22.89 2.30 -35.78
N GLY B 68 -24.13 2.47 -36.23
CA GLY B 68 -25.15 3.15 -35.46
C GLY B 68 -24.77 4.58 -35.14
N GLY B 69 -23.98 5.19 -36.03
CA GLY B 69 -23.57 6.56 -35.89
C GLY B 69 -22.34 6.76 -35.02
N ALA B 70 -21.80 5.67 -34.48
CA ALA B 70 -20.60 5.77 -33.62
C ALA B 70 -19.39 6.21 -34.43
N VAL B 71 -18.58 7.08 -33.85
CA VAL B 71 -17.40 7.62 -34.53
C VAL B 71 -16.11 7.06 -33.94
N ALA B 72 -15.47 6.17 -34.68
CA ALA B 72 -14.17 5.60 -34.29
C ALA B 72 -13.24 5.72 -35.48
N LYS B 73 -12.03 6.22 -35.24
CA LYS B 73 -11.05 6.39 -36.31
C LYS B 73 -9.73 5.79 -35.89
N GLY B 74 -9.00 5.21 -36.84
CA GLY B 74 -7.75 4.53 -36.53
C GLY B 74 -6.52 5.29 -36.97
N PHE B 75 -5.45 5.15 -36.20
CA PHE B 75 -4.19 5.84 -36.43
C PHE B 75 -3.03 4.88 -36.14
N GLY B 76 -1.96 5.00 -36.93
CA GLY B 76 -0.79 4.18 -36.69
C GLY B 76 0.28 4.97 -35.98
N ALA B 77 0.77 4.43 -34.87
CA ALA B 77 1.92 4.99 -34.17
C ALA B 77 2.48 4.02 -33.16
N ASP B 78 3.79 4.05 -33.04
CA ASP B 78 4.53 3.37 -31.98
C ASP B 78 4.65 4.38 -30.85
N VAL B 79 4.09 4.05 -29.69
CA VAL B 79 4.10 4.97 -28.55
C VAL B 79 5.50 5.30 -28.03
N THR B 80 6.50 4.50 -28.41
CA THR B 80 7.87 4.74 -27.96
C THR B 80 8.61 5.74 -28.86
N LYS B 81 7.96 6.17 -29.94
CA LYS B 81 8.58 7.11 -30.87
C LYS B 81 7.88 8.44 -30.76
N ALA B 82 8.54 9.41 -30.12
CA ALA B 82 7.92 10.69 -29.79
C ALA B 82 7.25 11.35 -30.99
N ALA B 83 7.97 11.46 -32.09
CA ALA B 83 7.41 12.11 -33.28
C ALA B 83 6.15 11.38 -33.79
N ASP B 84 6.19 10.06 -33.78
CA ASP B 84 5.10 9.27 -34.30
C ASP B 84 3.85 9.37 -33.42
N ILE B 85 4.03 9.21 -32.12
CA ILE B 85 2.85 9.28 -31.24
C ILE B 85 2.31 10.71 -31.15
N THR B 86 3.19 11.70 -31.21
CA THR B 86 2.75 13.09 -31.18
C THR B 86 1.96 13.38 -32.47
N ALA B 87 2.47 12.94 -33.60
CA ALA B 87 1.75 13.11 -34.87
C ALA B 87 0.37 12.46 -34.86
N ALA B 88 0.27 11.28 -34.27
CA ALA B 88 -1.00 10.55 -34.22
C ALA B 88 -2.01 11.28 -33.36
N ILE B 89 -1.57 11.78 -32.21
CA ILE B 89 -2.44 12.56 -31.33
C ILE B 89 -2.91 13.85 -32.00
N THR B 90 -1.99 14.54 -32.66
CA THR B 90 -2.33 15.73 -33.42
C THR B 90 -3.37 15.43 -34.50
N SER B 91 -3.17 14.33 -35.23
CA SER B 91 -4.11 13.95 -36.29
C SER B 91 -5.46 13.54 -35.71
N ALA B 92 -5.43 12.88 -34.56
CA ALA B 92 -6.67 12.47 -33.91
C ALA B 92 -7.47 13.71 -33.55
N GLU B 93 -6.80 14.72 -33.00
CA GLU B 93 -7.50 15.93 -32.62
C GLU B 93 -8.06 16.68 -33.84
N GLN B 94 -7.32 16.67 -34.95
CA GLN B 94 -7.80 17.22 -36.20
C GLN B 94 -9.01 16.45 -36.74
N THR B 95 -9.00 15.14 -36.54
CA THR B 95 -10.00 14.23 -37.13
C THR B 95 -11.31 14.17 -36.35
N ILE B 96 -11.22 14.07 -35.03
CA ILE B 96 -12.40 13.85 -34.19
C ILE B 96 -12.58 14.86 -33.07
N GLY B 97 -11.69 15.83 -32.97
CA GLY B 97 -11.83 16.88 -31.98
C GLY B 97 -10.76 16.86 -30.91
N SER B 98 -10.63 17.97 -30.20
CA SER B 98 -9.67 18.09 -29.10
C SER B 98 -9.91 16.99 -28.08
N LEU B 99 -8.82 16.36 -27.62
CA LEU B 99 -8.97 15.25 -26.66
C LEU B 99 -9.52 15.73 -25.33
N THR B 100 -10.43 14.93 -24.77
CA THR B 100 -10.83 15.10 -23.39
C THR B 100 -10.27 13.95 -22.56
N GLY B 101 -9.91 12.86 -23.21
CA GLY B 101 -9.39 11.70 -22.51
C GLY B 101 -8.32 10.95 -23.27
N LEU B 102 -7.39 10.37 -22.51
CA LEU B 102 -6.31 9.53 -23.05
C LEU B 102 -6.21 8.27 -22.22
N VAL B 103 -6.21 7.13 -22.90
CA VAL B 103 -5.99 5.85 -22.23
C VAL B 103 -4.68 5.26 -22.73
N ASN B 104 -3.71 5.16 -21.82
CA ASN B 104 -2.41 4.62 -22.17
C ASN B 104 -2.40 3.11 -21.98
N ASN B 105 -3.15 2.44 -22.85
CA ASN B 105 -3.37 1.00 -22.80
C ASN B 105 -2.23 0.19 -23.43
N ALA B 106 -1.52 0.78 -24.41
CA ALA B 106 -0.42 0.07 -25.07
C ALA B 106 0.58 -0.46 -24.06
N GLY B 107 0.91 -1.74 -24.19
CA GLY B 107 1.89 -2.36 -23.32
C GLY B 107 2.31 -3.68 -23.94
N ILE B 108 3.49 -4.16 -23.56
CA ILE B 108 3.89 -5.51 -23.92
C ILE B 108 4.40 -6.21 -22.67
N ALA B 109 4.42 -7.53 -22.71
CA ALA B 109 4.93 -8.30 -21.59
C ALA B 109 5.97 -9.27 -22.11
N GLY B 110 6.72 -9.87 -21.18
CA GLY B 110 7.70 -10.88 -21.54
C GLY B 110 8.19 -11.53 -20.27
N PHE B 111 8.97 -12.60 -20.42
CA PHE B 111 9.51 -13.33 -19.28
C PHE B 111 11.00 -13.12 -19.14
N GLY B 112 11.49 -13.24 -17.92
CA GLY B 112 12.90 -13.11 -17.65
C GLY B 112 13.10 -12.57 -16.25
N SER B 113 13.97 -13.23 -15.48
CA SER B 113 14.28 -12.80 -14.13
C SER B 113 15.52 -11.91 -14.16
N VAL B 114 15.81 -11.25 -13.04
CA VAL B 114 16.96 -10.35 -13.02
C VAL B 114 18.25 -11.07 -13.43
N HIS B 115 18.41 -12.32 -13.02
CA HIS B 115 19.68 -13.01 -13.27
C HIS B 115 19.87 -13.45 -14.72
N ASP B 116 18.79 -13.54 -15.49
CA ASP B 116 18.90 -14.11 -16.83
C ASP B 116 18.16 -13.32 -17.94
N ALA B 117 17.58 -12.18 -17.61
CA ALA B 117 16.79 -11.43 -18.59
C ALA B 117 17.61 -10.87 -19.74
N ASP B 118 17.03 -10.93 -20.93
CA ASP B 118 17.56 -10.26 -22.11
C ASP B 118 17.48 -8.76 -21.88
N ALA B 119 18.62 -8.09 -21.84
CA ALA B 119 18.67 -6.66 -21.56
C ALA B 119 17.97 -5.84 -22.64
N ALA B 120 18.03 -6.30 -23.88
CA ALA B 120 17.34 -5.62 -24.97
C ALA B 120 15.82 -5.74 -24.79
N ALA B 121 15.36 -6.93 -24.44
CA ALA B 121 13.93 -7.17 -24.21
C ALA B 121 13.46 -6.36 -23.00
N TRP B 122 14.30 -6.29 -21.97
CA TRP B 122 14.01 -5.48 -20.79
C TRP B 122 13.73 -4.05 -21.23
N ASP B 123 14.66 -3.49 -22.01
CA ASP B 123 14.51 -2.12 -22.49
C ASP B 123 13.25 -1.91 -23.31
N ARG B 124 12.90 -2.90 -24.14
CA ARG B 124 11.69 -2.78 -24.96
C ARG B 124 10.41 -2.80 -24.10
N ILE B 125 10.40 -3.65 -23.09
CA ILE B 125 9.26 -3.73 -22.17
C ILE B 125 9.09 -2.42 -21.39
N MET B 126 10.20 -1.90 -20.86
CA MET B 126 10.16 -0.59 -20.19
C MET B 126 9.73 0.52 -21.15
N ALA B 127 10.22 0.47 -22.39
CA ALA B 127 9.90 1.50 -23.37
C ALA B 127 8.41 1.56 -23.70
N VAL B 128 7.82 0.43 -24.09
CA VAL B 128 6.43 0.45 -24.53
C VAL B 128 5.52 0.85 -23.37
N ASN B 129 5.76 0.25 -22.22
CA ASN B 129 4.94 0.55 -21.05
C ASN B 129 5.19 1.94 -20.47
N VAL B 130 6.41 2.19 -20.02
CA VAL B 130 6.70 3.42 -19.30
C VAL B 130 6.92 4.61 -20.23
N THR B 131 7.84 4.46 -21.18
CA THR B 131 8.15 5.57 -22.07
C THR B 131 6.94 5.93 -22.92
N GLY B 132 6.18 4.91 -23.34
CA GLY B 132 4.97 5.14 -24.10
C GLY B 132 3.95 5.94 -23.32
N THR B 133 3.79 5.62 -22.04
CA THR B 133 2.89 6.37 -21.19
C THR B 133 3.34 7.83 -21.07
N PHE B 134 4.64 8.02 -20.86
CA PHE B 134 5.24 9.34 -20.80
C PHE B 134 5.02 10.13 -22.09
N LEU B 135 5.41 9.56 -23.23
CA LEU B 135 5.38 10.29 -24.50
C LEU B 135 3.97 10.59 -24.98
N ALA B 136 3.06 9.62 -24.85
CA ALA B 136 1.68 9.86 -25.25
C ALA B 136 1.03 10.91 -24.34
N SER B 137 1.29 10.80 -23.04
CA SER B 137 0.75 11.80 -22.11
C SER B 137 1.30 13.18 -22.43
N LYS B 138 2.60 13.26 -22.69
CA LYS B 138 3.24 14.53 -22.98
C LYS B 138 2.57 15.23 -24.16
N ALA B 139 2.28 14.46 -25.21
CA ALA B 139 1.62 15.01 -26.38
C ALA B 139 0.21 15.50 -26.09
N ALA B 140 -0.55 14.72 -25.31
CA ALA B 140 -1.93 15.06 -24.99
C ALA B 140 -2.02 16.22 -23.99
N LEU B 141 -1.03 16.32 -23.12
CA LEU B 141 -1.11 17.29 -22.01
C LEU B 141 -1.07 18.74 -22.48
N ALA B 142 -0.42 19.01 -23.61
CA ALA B 142 -0.35 20.38 -24.10
C ALA B 142 -1.78 20.94 -24.25
N GLY B 143 -2.61 20.22 -24.98
CA GLY B 143 -4.00 20.63 -25.18
C GLY B 143 -4.85 20.55 -23.92
N MET B 144 -4.71 19.46 -23.18
CA MET B 144 -5.52 19.30 -21.98
C MET B 144 -5.24 20.38 -20.94
N LEU B 145 -3.97 20.73 -20.75
CA LEU B 145 -3.62 21.79 -19.81
C LEU B 145 -4.09 23.15 -20.32
N GLU B 146 -3.98 23.37 -21.62
CA GLU B 146 -4.44 24.62 -22.23
C GLU B 146 -5.94 24.82 -21.97
N ARG B 147 -6.69 23.72 -21.96
CA ARG B 147 -8.13 23.75 -21.78
C ARG B 147 -8.56 23.52 -20.33
N HIS B 148 -7.58 23.30 -19.46
CA HIS B 148 -7.84 22.96 -18.06
C HIS B 148 -8.86 21.83 -17.91
N LYS B 149 -8.76 20.83 -18.78
CA LYS B 149 -9.70 19.72 -18.76
C LYS B 149 -9.09 18.48 -19.40
N GLY B 150 -9.01 17.41 -18.64
CA GLY B 150 -8.55 16.16 -19.20
C GLY B 150 -8.68 15.02 -18.22
N THR B 151 -8.65 13.80 -18.72
CA THR B 151 -8.62 12.64 -17.85
C THR B 151 -7.71 11.62 -18.53
N ILE B 152 -6.75 11.11 -17.77
CA ILE B 152 -5.77 10.18 -18.32
C ILE B 152 -5.85 8.89 -17.50
N VAL B 153 -6.02 7.77 -18.19
CA VAL B 153 -6.04 6.47 -17.53
C VAL B 153 -4.84 5.66 -17.98
N ASN B 154 -3.95 5.36 -17.03
CA ASN B 154 -2.77 4.57 -17.29
C ASN B 154 -3.05 3.12 -16.95
N PHE B 155 -2.21 2.24 -17.49
CA PHE B 155 -2.37 0.82 -17.28
C PHE B 155 -1.29 0.23 -16.39
N GLY B 156 -1.64 0.06 -15.14
CA GLY B 156 -0.88 -0.76 -14.23
C GLY B 156 -1.27 -2.22 -14.45
N SER B 157 -1.19 -3.00 -13.39
CA SER B 157 -1.53 -4.42 -13.39
C SER B 157 -1.40 -4.86 -11.95
N VAL B 158 -1.94 -6.04 -11.63
CA VAL B 158 -1.54 -6.68 -10.38
C VAL B 158 -0.01 -6.84 -10.38
N ALA B 159 0.58 -6.97 -11.57
CA ALA B 159 2.02 -7.12 -11.72
C ALA B 159 2.80 -5.83 -11.44
N GLY B 160 2.08 -4.73 -11.27
CA GLY B 160 2.70 -3.47 -10.86
C GLY B 160 2.55 -3.20 -9.37
N LEU B 161 1.75 -4.03 -8.70
CA LEU B 161 1.50 -3.89 -7.26
C LEU B 161 2.19 -4.97 -6.42
N VAL B 162 2.35 -6.17 -6.98
CA VAL B 162 3.10 -7.24 -6.32
C VAL B 162 4.06 -7.86 -7.32
N GLY B 163 4.93 -8.73 -6.81
CA GLY B 163 5.91 -9.42 -7.63
C GLY B 163 5.34 -10.68 -8.27
N ILE B 164 5.64 -10.86 -9.55
CA ILE B 164 5.25 -12.04 -10.30
C ILE B 164 6.51 -12.79 -10.68
N PRO B 165 6.58 -14.09 -10.34
CA PRO B 165 7.76 -14.89 -10.70
C PRO B 165 8.10 -14.79 -12.18
N THR B 166 9.40 -14.67 -12.47
CA THR B 166 9.92 -14.66 -13.84
C THR B 166 9.49 -13.49 -14.75
N MET B 167 8.98 -12.40 -14.17
CA MET B 167 8.64 -11.24 -14.97
C MET B 167 9.27 -9.95 -14.43
N ALA B 168 10.60 -9.91 -14.38
CA ALA B 168 11.28 -8.75 -13.80
C ALA B 168 11.01 -7.42 -14.51
N ALA B 169 11.25 -7.38 -15.82
CA ALA B 169 11.10 -6.14 -16.56
C ALA B 169 9.66 -5.64 -16.52
N TYR B 170 8.71 -6.57 -16.64
CA TYR B 170 7.30 -6.20 -16.69
C TYR B 170 6.80 -5.67 -15.35
N CYS B 171 7.26 -6.30 -14.26
CA CYS B 171 6.89 -5.87 -12.93
C CYS B 171 7.52 -4.52 -12.61
N ALA B 172 8.73 -4.29 -13.13
CA ALA B 172 9.39 -3.00 -12.98
C ALA B 172 8.59 -1.95 -13.74
N ALA B 173 8.20 -2.27 -14.98
CA ALA B 173 7.48 -1.34 -15.85
C ALA B 173 6.11 -0.96 -15.28
N LYS B 174 5.37 -1.96 -14.82
CA LYS B 174 4.05 -1.67 -14.28
C LYS B 174 4.17 -0.99 -12.91
N GLY B 175 5.19 -1.34 -12.14
CA GLY B 175 5.49 -0.61 -10.91
C GLY B 175 5.76 0.86 -11.20
N ALA B 176 6.53 1.13 -12.25
CA ALA B 176 6.77 2.51 -12.65
C ALA B 176 5.48 3.25 -12.98
N ILE B 177 4.61 2.60 -13.74
CA ILE B 177 3.36 3.23 -14.16
C ILE B 177 2.48 3.57 -12.97
N VAL B 178 2.40 2.67 -11.99
CA VAL B 178 1.59 2.92 -10.81
C VAL B 178 2.06 4.18 -10.09
N ASN B 179 3.37 4.31 -9.88
CA ASN B 179 3.79 5.52 -9.16
C ASN B 179 3.87 6.76 -10.02
N LEU B 180 4.18 6.59 -11.32
CA LEU B 180 4.13 7.72 -12.25
C LEU B 180 2.74 8.33 -12.26
N THR B 181 1.73 7.46 -12.16
CA THR B 181 0.35 7.91 -12.08
C THR B 181 0.12 8.85 -10.89
N ARG B 182 0.64 8.45 -9.72
CA ARG B 182 0.56 9.31 -8.54
C ARG B 182 1.27 10.64 -8.79
N GLN B 183 2.45 10.57 -9.38
CA GLN B 183 3.23 11.77 -9.66
C GLN B 183 2.49 12.71 -10.63
N MET B 184 1.90 12.14 -11.69
CA MET B 184 1.14 12.93 -12.65
C MET B 184 -0.08 13.58 -12.00
N ALA B 185 -0.77 12.84 -11.14
CA ALA B 185 -1.91 13.39 -10.42
C ALA B 185 -1.47 14.55 -9.52
N ALA B 186 -0.30 14.42 -8.91
CA ALA B 186 0.20 15.48 -8.05
C ALA B 186 0.43 16.75 -8.84
N ASP B 187 0.93 16.62 -10.06
CA ASP B 187 1.19 17.80 -10.89
C ASP B 187 -0.07 18.44 -11.46
N TYR B 188 -1.03 17.60 -11.87
CA TYR B 188 -2.05 18.05 -12.82
C TYR B 188 -3.50 18.08 -12.32
N SER B 189 -3.77 17.42 -11.20
CA SER B 189 -5.16 17.35 -10.70
C SER B 189 -5.74 18.75 -10.46
N GLY B 190 -4.92 19.64 -9.94
CA GLY B 190 -5.35 20.99 -9.64
C GLY B 190 -5.44 21.87 -10.88
N ARG B 191 -4.90 21.36 -11.99
CA ARG B 191 -4.94 22.06 -13.27
C ARG B 191 -6.03 21.52 -14.21
N GLY B 192 -6.90 20.68 -13.68
CA GLY B 192 -8.04 20.21 -14.44
C GLY B 192 -7.86 18.85 -15.10
N VAL B 193 -6.73 18.19 -14.85
CA VAL B 193 -6.47 16.91 -15.50
C VAL B 193 -6.32 15.80 -14.46
N ARG B 194 -7.31 14.90 -14.40
CA ARG B 194 -7.25 13.76 -13.50
C ARG B 194 -6.38 12.67 -14.12
N VAL B 195 -5.58 12.00 -13.30
CA VAL B 195 -4.75 10.90 -13.80
C VAL B 195 -4.89 9.71 -12.85
N ASN B 196 -5.30 8.56 -13.39
CA ASN B 196 -5.52 7.36 -12.60
C ASN B 196 -4.91 6.17 -13.30
N ALA B 197 -4.72 5.07 -12.57
CA ALA B 197 -4.24 3.84 -13.19
C ALA B 197 -5.21 2.73 -12.89
N VAL B 198 -5.62 2.01 -13.92
CA VAL B 198 -6.33 0.76 -13.68
C VAL B 198 -5.28 -0.34 -13.52
N CYS B 199 -5.49 -1.23 -12.56
CA CYS B 199 -4.56 -2.33 -12.32
C CYS B 199 -5.30 -3.64 -12.49
N PRO B 200 -5.35 -4.14 -13.73
CA PRO B 200 -6.11 -5.36 -13.99
C PRO B 200 -5.40 -6.61 -13.50
N GLY B 201 -6.21 -7.60 -13.13
CA GLY B 201 -5.73 -8.96 -12.96
C GLY B 201 -5.62 -9.61 -14.33
N THR B 202 -5.22 -10.87 -14.33
CA THR B 202 -5.07 -11.64 -15.56
C THR B 202 -6.33 -11.61 -16.41
N VAL B 203 -6.15 -11.32 -17.69
CA VAL B 203 -7.20 -11.38 -18.69
C VAL B 203 -6.74 -12.35 -19.77
N THR B 204 -7.34 -13.53 -19.79
CA THR B 204 -6.86 -14.67 -20.57
C THR B 204 -6.93 -14.50 -22.09
N SER B 205 -8.03 -13.91 -22.57
CA SER B 205 -8.42 -14.06 -23.96
C SER B 205 -7.68 -13.19 -24.98
N THR B 206 -6.95 -12.19 -24.50
CA THR B 206 -6.24 -11.29 -25.40
C THR B 206 -4.96 -11.90 -25.91
N GLY B 207 -4.35 -11.25 -26.90
CA GLY B 207 -3.05 -11.64 -27.40
C GLY B 207 -2.04 -11.77 -26.29
N MET B 208 -2.00 -10.80 -25.38
CA MET B 208 -1.05 -10.87 -24.28
C MET B 208 -1.42 -12.02 -23.33
N GLY B 209 -2.71 -12.18 -23.06
CA GLY B 209 -3.17 -13.25 -22.20
C GLY B 209 -2.72 -14.60 -22.73
N GLN B 210 -2.88 -14.80 -24.04
CA GLN B 210 -2.51 -16.07 -24.67
C GLN B 210 -1.00 -16.26 -24.69
N GLN B 211 -0.28 -15.18 -24.97
CA GLN B 211 1.18 -15.19 -25.00
C GLN B 211 1.76 -15.71 -23.69
N LEU B 212 1.17 -15.29 -22.59
CA LEU B 212 1.69 -15.60 -21.26
C LEU B 212 1.19 -16.94 -20.70
N LEU B 213 0.38 -17.66 -21.48
CA LEU B 213 -0.04 -19.00 -21.07
C LEU B 213 1.11 -20.00 -21.15
N GLN B 222 -2.53 -25.11 -14.21
CA GLN B 222 -2.55 -23.73 -13.76
C GLN B 222 -3.76 -23.44 -12.87
N ALA B 223 -4.19 -24.46 -12.13
CA ALA B 223 -5.12 -24.26 -11.04
C ALA B 223 -4.44 -23.39 -9.99
N ARG B 224 -3.11 -23.43 -9.98
CA ARG B 224 -2.33 -22.62 -9.04
C ARG B 224 -2.47 -21.14 -9.38
N ARG B 225 -2.41 -20.83 -10.67
CA ARG B 225 -2.65 -19.45 -11.13
C ARG B 225 -4.05 -18.98 -10.72
N LEU B 226 -5.05 -19.81 -10.99
CA LEU B 226 -6.44 -19.46 -10.71
C LEU B 226 -6.68 -19.29 -9.21
N ALA B 227 -5.94 -20.06 -8.41
CA ALA B 227 -6.04 -19.99 -6.96
C ALA B 227 -5.68 -18.61 -6.40
N LYS B 228 -4.95 -17.82 -7.18
CA LYS B 228 -4.54 -16.47 -6.76
C LYS B 228 -5.72 -15.50 -6.79
N TYR B 229 -6.83 -15.93 -7.39
CA TYR B 229 -8.00 -15.07 -7.63
C TYR B 229 -9.20 -15.52 -6.80
N PRO B 230 -9.48 -14.79 -5.71
CA PRO B 230 -10.61 -15.13 -4.84
C PRO B 230 -11.92 -15.30 -5.61
N ILE B 231 -12.14 -14.48 -6.63
CA ILE B 231 -13.41 -14.53 -7.36
C ILE B 231 -13.61 -15.82 -8.13
N GLY B 232 -12.51 -16.56 -8.36
CA GLY B 232 -12.58 -17.89 -8.93
C GLY B 232 -12.61 -17.95 -10.45
N ARG B 233 -12.26 -16.82 -11.07
CA ARG B 233 -12.12 -16.73 -12.52
C ARG B 233 -11.13 -15.62 -12.84
N PHE B 234 -10.61 -15.63 -14.07
CA PHE B 234 -9.82 -14.50 -14.55
C PHE B 234 -10.73 -13.44 -15.15
N GLY B 235 -10.16 -12.31 -15.54
CA GLY B 235 -10.94 -11.19 -16.03
C GLY B 235 -11.21 -11.26 -17.52
N THR B 236 -12.19 -10.49 -17.99
CA THR B 236 -12.43 -10.36 -19.41
C THR B 236 -12.02 -8.95 -19.84
N PRO B 237 -11.78 -8.74 -21.13
CA PRO B 237 -11.48 -7.37 -21.56
C PRO B 237 -12.62 -6.41 -21.19
N GLU B 238 -13.86 -6.91 -21.20
CA GLU B 238 -15.04 -6.11 -20.88
C GLU B 238 -15.05 -5.68 -19.42
N ASP B 239 -14.62 -6.56 -18.52
CA ASP B 239 -14.49 -6.23 -17.10
C ASP B 239 -13.60 -5.01 -16.92
N ILE B 240 -12.45 -5.02 -17.60
CA ILE B 240 -11.48 -3.95 -17.44
C ILE B 240 -11.99 -2.68 -18.09
N ALA B 241 -12.58 -2.82 -19.28
CA ALA B 241 -13.14 -1.68 -19.98
C ALA B 241 -14.12 -0.86 -19.13
N GLU B 242 -14.96 -1.54 -18.35
CA GLU B 242 -15.96 -0.81 -17.57
C GLU B 242 -15.30 0.08 -16.54
N ALA B 243 -14.23 -0.42 -15.91
CA ALA B 243 -13.51 0.39 -14.94
C ALA B 243 -12.87 1.59 -15.61
N VAL B 244 -12.31 1.39 -16.81
CA VAL B 244 -11.70 2.51 -17.52
C VAL B 244 -12.75 3.55 -17.89
N ILE B 245 -13.92 3.10 -18.34
CA ILE B 245 -14.99 4.02 -18.70
C ILE B 245 -15.45 4.83 -17.48
N PHE B 246 -15.54 4.18 -16.32
CA PHE B 246 -15.89 4.94 -15.13
C PHE B 246 -14.84 6.04 -14.85
N LEU B 247 -13.57 5.66 -14.88
CA LEU B 247 -12.50 6.62 -14.60
C LEU B 247 -12.47 7.77 -15.60
N LEU B 248 -12.81 7.48 -16.85
CA LEU B 248 -12.85 8.52 -17.88
C LEU B 248 -14.01 9.49 -17.69
N SER B 249 -15.06 9.04 -17.02
CA SER B 249 -16.31 9.78 -16.97
C SER B 249 -16.27 10.91 -15.95
N ASP B 250 -17.13 11.91 -16.17
CA ASP B 250 -17.21 13.02 -15.21
C ASP B 250 -17.89 12.62 -13.89
N GLN B 251 -18.45 11.42 -13.85
CA GLN B 251 -18.97 10.89 -12.59
C GLN B 251 -17.82 10.57 -11.65
N ALA B 252 -16.62 10.43 -12.20
CA ALA B 252 -15.42 10.18 -11.41
C ALA B 252 -14.61 11.47 -11.16
N ALA B 253 -15.33 12.58 -11.07
CA ALA B 253 -14.72 13.90 -10.95
C ALA B 253 -13.75 14.08 -9.77
N PHE B 254 -13.93 13.32 -8.70
CA PHE B 254 -13.08 13.43 -7.50
C PHE B 254 -12.05 12.30 -7.46
N VAL B 255 -12.02 11.48 -8.51
CA VAL B 255 -11.09 10.35 -8.51
C VAL B 255 -9.84 10.70 -9.30
N THR B 256 -8.72 10.79 -8.61
CA THR B 256 -7.45 11.11 -9.25
C THR B 256 -6.31 10.59 -8.38
N GLY B 257 -5.26 10.09 -9.04
CA GLY B 257 -4.12 9.51 -8.34
C GLY B 257 -4.33 8.06 -7.90
N ALA B 258 -5.50 7.52 -8.20
CA ALA B 258 -5.88 6.19 -7.70
C ALA B 258 -5.22 5.07 -8.49
N ALA B 259 -4.82 4.02 -7.77
CA ALA B 259 -4.39 2.78 -8.41
C ALA B 259 -5.54 1.80 -8.18
N PHE B 260 -6.45 1.74 -9.16
CA PHE B 260 -7.71 1.01 -8.99
C PHE B 260 -7.56 -0.46 -9.36
N ALA B 261 -7.60 -1.33 -8.35
CA ALA B 261 -7.46 -2.77 -8.57
C ALA B 261 -8.76 -3.35 -9.13
N VAL B 262 -8.65 -3.91 -10.33
CA VAL B 262 -9.75 -4.58 -11.02
C VAL B 262 -9.25 -5.98 -11.31
N ASP B 263 -9.32 -6.84 -10.31
CA ASP B 263 -8.43 -7.99 -10.25
C ASP B 263 -8.99 -9.23 -9.57
N GLY B 264 -10.31 -9.27 -9.41
CA GLY B 264 -10.95 -10.44 -8.83
C GLY B 264 -10.50 -10.77 -7.42
N GLY B 265 -9.92 -9.80 -6.72
CA GLY B 265 -9.47 -9.99 -5.36
C GLY B 265 -8.00 -10.36 -5.22
N MET B 266 -7.28 -10.44 -6.34
CA MET B 266 -5.90 -10.91 -6.30
C MET B 266 -5.03 -10.16 -5.27
N THR B 267 -5.03 -8.83 -5.32
CA THR B 267 -4.15 -8.06 -4.45
C THR B 267 -4.72 -7.90 -3.04
N ALA B 268 -5.93 -8.41 -2.82
CA ALA B 268 -6.54 -8.39 -1.49
C ALA B 268 -6.05 -9.52 -0.58
N ILE B 269 -5.40 -10.53 -1.16
CA ILE B 269 -4.94 -11.68 -0.37
C ILE B 269 -3.43 -11.92 -0.51
N ASN C 17 25.34 -3.79 22.61
CA ASN C 17 24.83 -2.70 23.44
C ASN C 17 23.92 -1.76 22.67
N ARG C 18 23.19 -2.29 21.69
CA ARG C 18 22.30 -1.43 20.90
C ARG C 18 21.15 -0.82 21.69
N LEU C 19 20.83 -1.37 22.85
CA LEU C 19 19.75 -0.84 23.69
C LEU C 19 20.27 -0.50 25.07
N LYS C 20 21.55 -0.13 25.15
CA LYS C 20 22.15 0.29 26.40
C LYS C 20 21.34 1.43 26.98
N ASN C 21 21.06 1.37 28.28
CA ASN C 21 20.27 2.39 28.97
C ASN C 21 18.81 2.50 28.52
N GLU C 22 18.31 1.51 27.79
CA GLU C 22 16.89 1.53 27.44
C GLU C 22 16.10 0.74 28.48
N VAL C 23 14.85 1.13 28.68
CA VAL C 23 13.97 0.41 29.60
C VAL C 23 12.70 0.09 28.81
N ILE C 24 12.47 -1.19 28.55
CA ILE C 24 11.47 -1.62 27.59
C ILE C 24 10.39 -2.45 28.27
N ALA C 25 9.14 -2.02 28.16
CA ALA C 25 8.01 -2.83 28.64
C ALA C 25 7.46 -3.61 27.46
N ILE C 26 7.20 -4.89 27.67
CA ILE C 26 6.69 -5.77 26.62
C ILE C 26 5.39 -6.44 27.09
N THR C 27 4.27 -6.05 26.50
CA THR C 27 3.00 -6.72 26.83
C THR C 27 2.97 -8.09 26.17
N GLY C 28 2.30 -9.04 26.80
CA GLY C 28 2.36 -10.41 26.34
C GLY C 28 3.76 -10.99 26.42
N GLY C 29 4.59 -10.45 27.31
CA GLY C 29 5.99 -10.81 27.37
C GLY C 29 6.33 -12.15 27.98
N GLY C 30 5.33 -12.83 28.54
CA GLY C 30 5.58 -14.10 29.21
C GLY C 30 5.95 -15.27 28.32
N ALA C 31 5.59 -15.22 27.05
CA ALA C 31 5.80 -16.32 26.14
C ALA C 31 5.89 -15.88 24.68
N GLY C 32 6.26 -16.82 23.83
CA GLY C 32 6.21 -16.61 22.38
C GLY C 32 7.08 -15.49 21.87
N ILE C 33 6.56 -14.70 20.94
CA ILE C 33 7.34 -13.61 20.35
C ILE C 33 7.74 -12.56 21.40
N GLY C 34 6.83 -12.27 22.33
CA GLY C 34 7.12 -11.31 23.39
C GLY C 34 8.33 -11.73 24.20
N LEU C 35 8.40 -13.02 24.52
CA LEU C 35 9.53 -13.55 25.27
C LEU C 35 10.82 -13.45 24.47
N ALA C 36 10.72 -13.74 23.17
CA ALA C 36 11.88 -13.64 22.28
C ALA C 36 12.36 -12.19 22.20
N ILE C 37 11.43 -11.24 22.15
CA ILE C 37 11.80 -9.83 22.16
C ILE C 37 12.57 -9.50 23.45
N ALA C 38 12.05 -9.99 24.58
CA ALA C 38 12.73 -9.76 25.87
C ALA C 38 14.16 -10.29 25.87
N SER C 39 14.34 -11.51 25.38
CA SER C 39 15.66 -12.11 25.32
C SER C 39 16.63 -11.28 24.49
N ALA C 40 16.19 -10.86 23.30
CA ALA C 40 17.04 -10.05 22.43
C ALA C 40 17.31 -8.67 23.01
N ALA C 41 16.33 -8.10 23.70
CA ALA C 41 16.51 -6.76 24.28
C ALA C 41 17.54 -6.79 25.40
N LEU C 42 17.48 -7.84 26.22
CA LEU C 42 18.49 -8.02 27.27
C LEU C 42 19.88 -8.24 26.68
N ARG C 43 19.94 -9.00 25.59
CA ARG C 43 21.21 -9.22 24.89
C ARG C 43 21.86 -7.88 24.52
N GLU C 44 21.01 -6.91 24.16
CA GLU C 44 21.46 -5.59 23.73
C GLU C 44 21.56 -4.58 24.86
N GLY C 45 21.41 -5.04 26.10
CA GLY C 45 21.69 -4.21 27.25
C GLY C 45 20.53 -3.48 27.89
N ALA C 46 19.31 -3.75 27.43
CA ALA C 46 18.14 -3.12 27.99
C ALA C 46 17.73 -3.76 29.31
N LYS C 47 16.96 -3.01 30.09
CA LYS C 47 16.22 -3.57 31.21
C LYS C 47 14.81 -3.80 30.71
N VAL C 48 14.21 -4.92 31.10
CA VAL C 48 12.93 -5.32 30.52
C VAL C 48 11.86 -5.58 31.56
N ALA C 49 10.65 -5.11 31.29
CA ALA C 49 9.46 -5.48 32.07
C ALA C 49 8.57 -6.37 31.20
N LEU C 50 8.31 -7.58 31.67
CA LEU C 50 7.38 -8.47 30.97
C LEU C 50 6.02 -8.23 31.59
N ILE C 51 5.05 -7.78 30.81
CA ILE C 51 3.71 -7.59 31.33
C ILE C 51 2.76 -8.56 30.65
N ASP C 52 2.18 -9.48 31.41
CA ASP C 52 1.40 -10.56 30.83
C ASP C 52 0.11 -10.78 31.59
N LEU C 53 -0.94 -11.19 30.89
CA LEU C 53 -2.20 -11.56 31.54
C LEU C 53 -1.95 -12.66 32.57
N ASP C 54 -1.00 -13.54 32.27
CA ASP C 54 -0.59 -14.62 33.15
C ASP C 54 0.57 -14.10 34.01
N GLN C 55 0.24 -13.61 35.19
CA GLN C 55 1.20 -12.98 36.10
C GLN C 55 2.31 -13.96 36.49
N GLY C 56 1.94 -15.19 36.81
CA GLY C 56 2.92 -16.19 37.20
C GLY C 56 3.92 -16.45 36.10
N LEU C 57 3.42 -16.53 34.87
CA LEU C 57 4.27 -16.79 33.73
C LEU C 57 5.23 -15.62 33.50
N ALA C 58 4.72 -14.39 33.64
CA ALA C 58 5.59 -13.21 33.49
C ALA C 58 6.75 -13.29 34.47
N GLU C 59 6.42 -13.66 35.71
CA GLU C 59 7.42 -13.74 36.76
C GLU C 59 8.43 -14.85 36.49
N ARG C 60 7.95 -16.04 36.13
CA ARG C 60 8.84 -17.16 35.89
C ARG C 60 9.73 -16.92 34.68
N SER C 61 9.17 -16.34 33.63
CA SER C 61 9.94 -16.06 32.43
C SER C 61 11.00 -14.99 32.72
N ALA C 62 10.62 -13.97 33.48
CA ALA C 62 11.58 -12.92 33.85
C ALA C 62 12.73 -13.47 34.68
N ALA C 63 12.41 -14.39 35.59
CA ALA C 63 13.43 -15.04 36.41
C ALA C 63 14.40 -15.83 35.52
N MET C 64 13.83 -16.58 34.58
CA MET C 64 14.62 -17.40 33.66
C MET C 64 15.60 -16.54 32.86
N LEU C 65 15.14 -15.36 32.42
CA LEU C 65 15.96 -14.47 31.61
C LEU C 65 17.04 -13.74 32.40
N SER C 66 16.88 -13.69 33.72
CA SER C 66 17.72 -12.81 34.54
C SER C 66 19.03 -13.48 34.97
N THR C 67 19.83 -13.87 33.99
CA THR C 67 21.15 -14.43 34.27
C THR C 67 22.19 -13.50 33.67
N GLY C 68 23.44 -13.64 34.11
CA GLY C 68 24.53 -12.85 33.57
C GLY C 68 24.35 -11.35 33.74
N GLY C 69 23.70 -10.96 34.84
CA GLY C 69 23.51 -9.55 35.14
C GLY C 69 22.30 -8.93 34.45
N ALA C 70 21.63 -9.69 33.60
CA ALA C 70 20.47 -9.18 32.89
C ALA C 70 19.32 -8.89 33.85
N VAL C 71 18.61 -7.78 33.62
CA VAL C 71 17.55 -7.35 34.50
C VAL C 71 16.20 -7.44 33.80
N ALA C 72 15.41 -8.44 34.17
CA ALA C 72 14.04 -8.59 33.68
C ALA C 72 13.11 -8.79 34.87
N LYS C 73 11.99 -8.08 34.86
CA LYS C 73 11.01 -8.20 35.93
C LYS C 73 9.65 -8.52 35.32
N GLY C 74 8.85 -9.28 36.04
CA GLY C 74 7.54 -9.67 35.54
C GLY C 74 6.40 -9.00 36.27
N PHE C 75 5.33 -8.69 35.53
CA PHE C 75 4.15 -8.02 36.06
C PHE C 75 2.89 -8.61 35.43
N GLY C 76 1.82 -8.69 36.22
CA GLY C 76 0.55 -9.17 35.69
C GLY C 76 -0.37 -8.03 35.35
N ALA C 77 -0.95 -8.07 34.15
CA ALA C 77 -1.99 -7.14 33.77
C ALA C 77 -2.69 -7.60 32.50
N ASP C 78 -3.99 -7.35 32.45
CA ASP C 78 -4.79 -7.51 31.23
C ASP C 78 -4.74 -6.16 30.52
N VAL C 79 -4.22 -6.12 29.29
CA VAL C 79 -4.07 -4.84 28.59
C VAL C 79 -5.40 -4.18 28.26
N THR C 80 -6.50 -4.92 28.41
CA THR C 80 -7.83 -4.37 28.13
C THR C 80 -8.44 -3.69 29.34
N LYS C 81 -7.75 -3.75 30.47
CA LYS C 81 -8.24 -3.11 31.69
C LYS C 81 -7.36 -1.92 32.04
N ALA C 82 -7.86 -0.72 31.76
CA ALA C 82 -7.06 0.51 31.83
C ALA C 82 -6.35 0.67 33.17
N ALA C 83 -7.08 0.52 34.25
CA ALA C 83 -6.48 0.70 35.58
C ALA C 83 -5.36 -0.30 35.83
N ASP C 84 -5.57 -1.53 35.37
CA ASP C 84 -4.61 -2.59 35.58
C ASP C 84 -3.32 -2.42 34.76
N ILE C 85 -3.46 -2.10 33.47
CA ILE C 85 -2.25 -1.89 32.67
C ILE C 85 -1.51 -0.62 33.11
N THR C 86 -2.26 0.39 33.53
CA THR C 86 -1.66 1.60 34.06
C THR C 86 -0.87 1.30 35.33
N ALA C 87 -1.48 0.54 36.24
CA ALA C 87 -0.78 0.15 37.47
C ALA C 87 0.47 -0.68 37.18
N ALA C 88 0.40 -1.58 36.20
CA ALA C 88 1.54 -2.43 35.89
C ALA C 88 2.70 -1.61 35.34
N ILE C 89 2.39 -0.64 34.48
CA ILE C 89 3.44 0.20 33.92
C ILE C 89 4.09 1.05 35.03
N THR C 90 3.26 1.62 35.90
CA THR C 90 3.77 2.38 37.04
C THR C 90 4.67 1.53 37.93
N SER C 91 4.25 0.30 38.20
CA SER C 91 5.05 -0.59 39.04
C SER C 91 6.37 -0.94 38.36
N ALA C 92 6.31 -1.19 37.06
CA ALA C 92 7.52 -1.48 36.30
C ALA C 92 8.52 -0.33 36.41
N GLU C 93 8.02 0.90 36.30
CA GLU C 93 8.93 2.06 36.32
C GLU C 93 9.53 2.27 37.71
N GLN C 94 8.76 1.91 38.74
CA GLN C 94 9.24 1.95 40.11
C GLN C 94 10.40 0.98 40.31
N THR C 95 10.33 -0.13 39.60
CA THR C 95 11.25 -1.24 39.79
C THR C 95 12.48 -1.14 38.91
N ILE C 96 12.28 -0.83 37.62
CA ILE C 96 13.39 -0.81 36.68
C ILE C 96 13.71 0.55 36.02
N GLY C 97 12.94 1.58 36.35
CA GLY C 97 13.21 2.91 35.80
C GLY C 97 12.18 3.36 34.78
N SER C 98 12.20 4.64 34.44
CA SER C 98 11.23 5.21 33.51
C SER C 98 11.33 4.54 32.14
N LEU C 99 10.18 4.29 31.52
CA LEU C 99 10.19 3.60 30.23
C LEU C 99 10.82 4.43 29.14
N THR C 100 11.58 3.78 28.27
CA THR C 100 12.00 4.40 27.01
C THR C 100 11.35 3.70 25.82
N GLY C 101 10.89 2.47 26.01
CA GLY C 101 10.21 1.74 24.95
C GLY C 101 9.03 0.93 25.44
N LEU C 102 8.05 0.76 24.54
CA LEU C 102 6.88 -0.08 24.80
C LEU C 102 6.65 -0.94 23.58
N VAL C 103 6.51 -2.25 23.79
CA VAL C 103 6.16 -3.14 22.71
C VAL C 103 4.76 -3.70 22.99
N ASN C 104 3.81 -3.32 22.14
CA ASN C 104 2.44 -3.79 22.29
C ASN C 104 2.26 -5.14 21.60
N ASN C 105 2.89 -6.15 22.19
CA ASN C 105 2.93 -7.48 21.62
C ASN C 105 1.70 -8.32 21.96
N ALA C 106 1.04 -8.03 23.08
CA ALA C 106 -0.15 -8.79 23.48
C ALA C 106 -1.19 -8.82 22.36
N GLY C 107 -1.68 -10.02 22.04
CA GLY C 107 -2.71 -10.17 21.02
C GLY C 107 -3.31 -11.55 21.17
N ILE C 108 -4.54 -11.70 20.68
CA ILE C 108 -5.13 -13.02 20.55
C ILE C 108 -5.70 -13.16 19.14
N ALA C 109 -5.83 -14.41 18.71
CA ALA C 109 -6.40 -14.69 17.40
C ALA C 109 -7.56 -15.64 17.59
N GLY C 110 -8.33 -15.83 16.51
CA GLY C 110 -9.45 -16.73 16.53
C GLY C 110 -10.01 -16.85 15.13
N PHE C 111 -10.90 -17.81 14.94
CA PHE C 111 -11.54 -18.03 13.65
C PHE C 111 -12.99 -17.59 13.67
N GLY C 112 -13.48 -17.21 12.49
CA GLY C 112 -14.85 -16.80 12.32
C GLY C 112 -14.93 -15.80 11.18
N SER C 113 -15.88 -16.00 10.28
CA SER C 113 -16.06 -15.09 9.14
C SER C 113 -17.16 -14.09 9.50
N VAL C 114 -17.37 -13.07 8.68
CA VAL C 114 -18.42 -12.09 9.00
C VAL C 114 -19.80 -12.75 9.16
N HIS C 115 -20.09 -13.77 8.35
CA HIS C 115 -21.44 -14.32 8.36
C HIS C 115 -21.71 -15.18 9.60
N ASP C 116 -20.67 -15.71 10.22
CA ASP C 116 -20.88 -16.65 11.33
C ASP C 116 -20.17 -16.31 12.64
N ALA C 117 -19.40 -15.24 12.66
CA ALA C 117 -18.65 -14.89 13.87
C ALA C 117 -19.57 -14.54 15.04
N ASP C 118 -19.22 -14.99 16.23
CA ASP C 118 -19.98 -14.60 17.41
C ASP C 118 -19.55 -13.20 17.86
N ALA C 119 -20.52 -12.36 18.21
CA ALA C 119 -20.24 -10.96 18.54
C ALA C 119 -19.31 -10.81 19.75
N ALA C 120 -19.44 -11.69 20.73
CA ALA C 120 -18.59 -11.61 21.92
C ALA C 120 -17.15 -11.99 21.59
N ALA C 121 -16.98 -13.04 20.79
CA ALA C 121 -15.65 -13.46 20.37
C ALA C 121 -14.99 -12.36 19.54
N TRP C 122 -15.77 -11.74 18.66
CA TRP C 122 -15.30 -10.63 17.83
C TRP C 122 -14.78 -9.51 18.73
N ASP C 123 -15.61 -9.12 19.70
CA ASP C 123 -15.26 -8.03 20.59
C ASP C 123 -13.98 -8.31 21.38
N ARG C 124 -13.78 -9.55 21.82
CA ARG C 124 -12.59 -9.87 22.61
C ARG C 124 -11.31 -9.79 21.78
N ILE C 125 -11.37 -10.24 20.54
CA ILE C 125 -10.23 -10.14 19.63
C ILE C 125 -9.91 -8.66 19.37
N MET C 126 -10.94 -7.86 19.12
CA MET C 126 -10.73 -6.42 18.95
C MET C 126 -10.16 -5.80 20.21
N ALA C 127 -10.63 -6.24 21.37
CA ALA C 127 -10.22 -5.64 22.64
C ALA C 127 -8.74 -5.85 22.93
N VAL C 128 -8.29 -7.09 22.89
CA VAL C 128 -6.92 -7.37 23.29
C VAL C 128 -5.97 -6.69 22.32
N ASN C 129 -6.26 -6.84 21.03
CA ASN C 129 -5.39 -6.26 20.02
C ASN C 129 -5.46 -4.74 19.96
N VAL C 130 -6.64 -4.19 19.66
CA VAL C 130 -6.74 -2.76 19.41
C VAL C 130 -6.85 -1.96 20.72
N THR C 131 -7.80 -2.33 21.56
CA THR C 131 -7.97 -1.60 22.80
C THR C 131 -6.74 -1.73 23.70
N GLY C 132 -6.13 -2.91 23.70
CA GLY C 132 -4.90 -3.11 24.45
C GLY C 132 -3.78 -2.18 24.00
N THR C 133 -3.61 -2.06 22.68
CA THR C 133 -2.59 -1.19 22.11
C THR C 133 -2.87 0.26 22.52
N PHE C 134 -4.15 0.65 22.46
CA PHE C 134 -4.56 1.98 22.86
C PHE C 134 -4.27 2.24 24.35
N LEU C 135 -4.75 1.37 25.23
CA LEU C 135 -4.66 1.64 26.66
C LEU C 135 -3.22 1.54 27.18
N ALA C 136 -2.47 0.56 26.71
CA ALA C 136 -1.07 0.42 27.13
C ALA C 136 -0.27 1.63 26.64
N SER C 137 -0.50 2.04 25.39
CA SER C 137 0.17 3.21 24.84
C SER C 137 -0.20 4.49 25.60
N LYS C 138 -1.48 4.64 25.91
CA LYS C 138 -1.96 5.78 26.66
C LYS C 138 -1.23 5.90 27.99
N ALA C 139 -1.10 4.77 28.69
CA ALA C 139 -0.38 4.78 29.96
C ALA C 139 1.08 5.16 29.80
N ALA C 140 1.75 4.63 28.77
CA ALA C 140 3.17 4.88 28.60
C ALA C 140 3.45 6.30 28.07
N LEU C 141 2.51 6.85 27.32
CA LEU C 141 2.74 8.11 26.63
C LEU C 141 2.93 9.31 27.56
N ALA C 142 2.28 9.28 28.73
CA ALA C 142 2.41 10.40 29.66
C ALA C 142 3.87 10.67 29.99
N GLY C 143 4.56 9.62 30.44
CA GLY C 143 5.97 9.74 30.74
C GLY C 143 6.86 9.98 29.53
N MET C 144 6.61 9.27 28.45
CA MET C 144 7.45 9.39 27.26
C MET C 144 7.37 10.80 26.69
N LEU C 145 6.17 11.36 26.65
CA LEU C 145 5.99 12.72 26.17
C LEU C 145 6.64 13.74 27.11
N GLU C 146 6.46 13.55 28.41
CA GLU C 146 7.11 14.41 29.41
C GLU C 146 8.62 14.45 29.22
N ARG C 147 9.21 13.32 28.89
CA ARG C 147 10.66 13.23 28.74
C ARG C 147 11.11 13.42 27.30
N HIS C 148 10.15 13.67 26.41
CA HIS C 148 10.41 13.85 24.98
C HIS C 148 11.27 12.73 24.41
N LYS C 149 10.98 11.50 24.83
CA LYS C 149 11.72 10.34 24.34
C LYS C 149 10.93 9.08 24.53
N GLY C 150 10.68 8.38 23.44
CA GLY C 150 10.05 7.08 23.53
C GLY C 150 10.04 6.40 22.18
N THR C 151 9.86 5.09 22.21
CA THR C 151 9.69 4.35 20.98
C THR C 151 8.65 3.27 21.29
N ILE C 152 7.63 3.22 20.44
CA ILE C 152 6.55 2.26 20.62
C ILE C 152 6.50 1.35 19.41
N VAL C 153 6.52 0.04 19.65
CA VAL C 153 6.37 -0.90 18.55
C VAL C 153 5.07 -1.65 18.69
N ASN C 154 4.18 -1.48 17.71
CA ASN C 154 2.89 -2.15 17.70
C ASN C 154 2.98 -3.41 16.90
N PHE C 155 2.04 -4.32 17.12
CA PHE C 155 2.03 -5.59 16.42
C PHE C 155 0.88 -5.71 15.43
N GLY C 156 1.23 -5.49 14.17
CA GLY C 156 0.35 -5.84 13.07
C GLY C 156 0.60 -7.30 12.72
N SER C 157 0.46 -7.60 11.43
CA SER C 157 0.61 -8.96 10.91
C SER C 157 0.46 -8.84 9.42
N VAL C 158 0.88 -9.87 8.70
CA VAL C 158 0.44 -9.99 7.32
C VAL C 158 -1.10 -9.95 7.30
N ALA C 159 -1.71 -10.43 8.39
CA ALA C 159 -3.17 -10.47 8.51
C ALA C 159 -3.78 -9.08 8.74
N GLY C 160 -2.92 -8.09 8.94
CA GLY C 160 -3.36 -6.70 9.00
C GLY C 160 -3.17 -5.95 7.70
N LEU C 161 -2.52 -6.59 6.74
CA LEU C 161 -2.20 -5.96 5.45
C LEU C 161 -3.01 -6.55 4.31
N VAL C 162 -3.29 -7.85 4.41
CA VAL C 162 -4.18 -8.52 3.47
C VAL C 162 -5.23 -9.36 4.19
N GLY C 163 -6.18 -9.89 3.42
CA GLY C 163 -7.26 -10.70 3.98
C GLY C 163 -6.87 -12.16 4.13
N ILE C 164 -7.21 -12.73 5.28
CA ILE C 164 -6.95 -14.14 5.56
C ILE C 164 -8.29 -14.85 5.70
N PRO C 165 -8.50 -15.94 4.95
CA PRO C 165 -9.78 -16.64 5.07
C PRO C 165 -10.14 -17.01 6.51
N THR C 166 -11.42 -16.82 6.84
CA THR C 166 -12.00 -17.25 8.11
C THR C 166 -11.45 -16.53 9.35
N MET C 167 -10.81 -15.38 9.16
CA MET C 167 -10.32 -14.62 10.32
C MET C 167 -10.78 -13.16 10.28
N ALA C 168 -12.08 -12.95 10.27
CA ALA C 168 -12.62 -11.60 10.10
C ALA C 168 -12.21 -10.62 11.22
N ALA C 169 -12.49 -10.97 12.47
CA ALA C 169 -12.18 -10.07 13.57
C ALA C 169 -10.68 -9.79 13.67
N TYR C 170 -9.87 -10.82 13.45
CA TYR C 170 -8.43 -10.70 13.62
C TYR C 170 -7.86 -9.82 12.50
N CYS C 171 -8.37 -9.96 11.29
CA CYS C 171 -7.91 -9.10 10.20
C CYS C 171 -8.35 -7.66 10.40
N ALA C 172 -9.54 -7.47 10.96
CA ALA C 172 -10.00 -6.13 11.31
C ALA C 172 -9.10 -5.55 12.40
N ALA C 173 -8.79 -6.34 13.42
CA ALA C 173 -7.98 -5.86 14.55
C ALA C 173 -6.57 -5.46 14.10
N LYS C 174 -5.92 -6.32 13.33
CA LYS C 174 -4.56 -6.04 12.89
C LYS C 174 -4.56 -4.91 11.85
N GLY C 175 -5.62 -4.83 11.04
CA GLY C 175 -5.80 -3.70 10.14
C GLY C 175 -5.90 -2.40 10.89
N ALA C 176 -6.66 -2.41 11.98
CA ALA C 176 -6.77 -1.25 12.87
C ALA C 176 -5.40 -0.84 13.43
N ILE C 177 -4.64 -1.81 13.91
CA ILE C 177 -3.33 -1.53 14.48
C ILE C 177 -2.38 -0.91 13.45
N VAL C 178 -2.40 -1.45 12.23
CA VAL C 178 -1.55 -0.90 11.17
C VAL C 178 -1.84 0.59 10.96
N ASN C 179 -3.10 0.96 10.78
CA ASN C 179 -3.36 2.39 10.56
C ASN C 179 -3.29 3.25 11.82
N LEU C 180 -3.64 2.69 12.97
CA LEU C 180 -3.48 3.42 14.23
C LEU C 180 -2.02 3.79 14.44
N THR C 181 -1.12 2.90 14.02
CA THR C 181 0.32 3.16 14.08
C THR C 181 0.70 4.42 13.28
N ARG C 182 0.17 4.54 12.06
CA ARG C 182 0.41 5.73 11.25
C ARG C 182 -0.11 6.97 11.94
N GLN C 183 -1.30 6.83 12.52
CA GLN C 183 -1.94 7.94 13.22
C GLN C 183 -1.12 8.38 14.44
N MET C 184 -0.65 7.40 15.22
CA MET C 184 0.16 7.71 16.39
C MET C 184 1.49 8.37 15.98
N ALA C 185 2.10 7.86 14.91
CA ALA C 185 3.32 8.48 14.43
C ALA C 185 3.08 9.94 14.00
N ALA C 186 1.92 10.20 13.42
CA ALA C 186 1.56 11.56 12.99
C ALA C 186 1.51 12.50 14.18
N ASP C 187 0.94 12.02 15.29
CA ASP C 187 0.80 12.84 16.49
C ASP C 187 2.11 13.05 17.24
N TYR C 188 2.93 12.00 17.33
CA TYR C 188 4.00 11.97 18.35
C TYR C 188 5.44 12.02 17.86
N SER C 189 5.67 11.75 16.58
CA SER C 189 7.03 11.66 16.07
C SER C 189 7.81 12.97 16.32
N GLY C 190 7.12 14.08 16.16
CA GLY C 190 7.74 15.38 16.35
C GLY C 190 7.90 15.75 17.81
N ARG C 191 7.35 14.91 18.69
CA ARG C 191 7.40 15.16 20.12
C ARG C 191 8.36 14.20 20.81
N GLY C 192 9.15 13.49 20.01
CA GLY C 192 10.17 12.61 20.54
C GLY C 192 9.80 11.15 20.66
N VAL C 193 8.60 10.77 20.24
CA VAL C 193 8.14 9.38 20.37
C VAL C 193 7.88 8.74 19.01
N ARG C 194 8.75 7.79 18.62
CA ARG C 194 8.56 7.07 17.36
C ARG C 194 7.54 5.98 17.58
N VAL C 195 6.68 5.73 16.59
CA VAL C 195 5.72 4.64 16.69
C VAL C 195 5.74 3.88 15.36
N ASN C 196 6.00 2.57 15.45
CA ASN C 196 6.10 1.72 14.28
C ASN C 196 5.32 0.43 14.50
N ALA C 197 5.07 -0.30 13.42
CA ALA C 197 4.36 -1.57 13.55
C ALA C 197 5.14 -2.65 12.85
N VAL C 198 5.48 -3.71 13.59
CA VAL C 198 6.05 -4.88 12.93
C VAL C 198 4.87 -5.69 12.39
N CYS C 199 4.99 -6.21 11.17
CA CYS C 199 3.93 -7.03 10.61
C CYS C 199 4.47 -8.42 10.29
N PRO C 200 4.41 -9.32 11.27
CA PRO C 200 5.00 -10.64 11.06
C PRO C 200 4.17 -11.53 10.15
N GLY C 201 4.87 -12.40 9.43
CA GLY C 201 4.22 -13.54 8.81
C GLY C 201 4.01 -14.62 9.85
N THR C 202 3.47 -15.74 9.41
CA THR C 202 3.20 -16.87 10.29
C THR C 202 4.42 -17.28 11.10
N VAL C 203 4.21 -17.46 12.41
CA VAL C 203 5.25 -18.01 13.28
C VAL C 203 4.64 -19.21 13.96
N THR C 204 5.08 -20.40 13.54
CA THR C 204 4.41 -21.65 13.87
C THR C 204 4.52 -22.06 15.34
N SER C 205 5.67 -21.81 15.94
CA SER C 205 6.02 -22.49 17.19
C SER C 205 5.40 -21.93 18.47
N THR C 206 4.78 -20.75 18.39
CA THR C 206 4.19 -20.16 19.59
C THR C 206 2.84 -20.75 19.95
N GLY C 207 2.33 -20.40 21.12
CA GLY C 207 0.98 -20.78 21.51
C GLY C 207 -0.05 -20.39 20.47
N MET C 208 0.08 -19.16 19.95
CA MET C 208 -0.84 -18.71 18.90
C MET C 208 -0.64 -19.48 17.61
N GLY C 209 0.62 -19.71 17.25
CA GLY C 209 0.94 -20.46 16.04
C GLY C 209 0.38 -21.86 16.10
N GLN C 210 0.50 -22.48 17.26
CA GLN C 210 -0.04 -23.83 17.46
C GLN C 210 -1.57 -23.84 17.43
N GLN C 211 -2.16 -22.83 18.05
CA GLN C 211 -3.60 -22.65 18.09
C GLN C 211 -4.20 -22.57 16.69
N LEU C 212 -3.49 -21.92 15.78
CA LEU C 212 -4.04 -21.66 14.46
C LEU C 212 -3.73 -22.77 13.45
N LEU C 213 -2.87 -23.70 13.85
CA LEU C 213 -2.58 -24.86 13.02
C LEU C 213 -3.83 -25.69 12.76
N GLU C 220 -1.38 -31.36 2.24
CA GLU C 220 -1.61 -30.50 1.09
C GLU C 220 -2.09 -29.12 1.53
N VAL C 221 -2.81 -29.07 2.63
CA VAL C 221 -3.18 -27.79 3.24
C VAL C 221 -1.93 -27.14 3.79
N GLN C 222 -1.02 -27.96 4.33
CA GLN C 222 0.25 -27.49 4.85
C GLN C 222 1.13 -26.93 3.74
N ALA C 223 1.25 -27.69 2.64
CA ALA C 223 2.06 -27.27 1.52
C ALA C 223 1.50 -26.00 0.89
N ARG C 224 0.18 -25.87 0.90
CA ARG C 224 -0.48 -24.70 0.32
C ARG C 224 -0.15 -23.43 1.10
N ARG C 225 -0.22 -23.53 2.43
CA ARG C 225 0.09 -22.38 3.28
C ARG C 225 1.54 -21.96 3.11
N LEU C 226 2.44 -22.93 3.08
CA LEU C 226 3.87 -22.67 2.95
C LEU C 226 4.19 -22.02 1.61
N ALA C 227 3.41 -22.36 0.59
CA ALA C 227 3.61 -21.83 -0.75
C ALA C 227 3.42 -20.31 -0.82
N LYS C 228 2.69 -19.77 0.13
CA LYS C 228 2.41 -18.33 0.17
C LYS C 228 3.62 -17.55 0.69
N TYR C 229 4.64 -18.29 1.13
CA TYR C 229 5.87 -17.71 1.67
C TYR C 229 7.07 -17.95 0.75
N PRO C 230 7.45 -16.93 -0.03
CA PRO C 230 8.56 -17.07 -0.99
C PRO C 230 9.83 -17.64 -0.36
N ILE C 231 10.13 -17.26 0.88
CA ILE C 231 11.36 -17.70 1.51
C ILE C 231 11.40 -19.22 1.78
N GLY C 232 10.24 -19.86 1.78
CA GLY C 232 10.19 -21.31 1.84
C GLY C 232 10.14 -21.90 3.24
N ARG C 233 9.90 -21.03 4.22
CA ARG C 233 9.74 -21.45 5.60
C ARG C 233 8.89 -20.42 6.31
N PHE C 234 8.35 -20.79 7.46
CA PHE C 234 7.64 -19.84 8.31
C PHE C 234 8.64 -19.14 9.23
N GLY C 235 8.18 -18.12 9.94
CA GLY C 235 9.07 -17.35 10.79
C GLY C 235 9.29 -17.99 12.15
N THR C 236 10.35 -17.57 12.82
CA THR C 236 10.58 -17.94 14.21
C THR C 236 10.36 -16.72 15.10
N PRO C 237 10.13 -16.95 16.39
CA PRO C 237 10.00 -15.80 17.30
C PRO C 237 11.26 -14.93 17.26
N GLU C 238 12.42 -15.56 17.11
CA GLU C 238 13.69 -14.85 17.05
C GLU C 238 13.76 -13.93 15.83
N ASP C 239 13.25 -14.40 14.68
CA ASP C 239 13.22 -13.57 13.46
C ASP C 239 12.49 -12.26 13.74
N ILE C 240 11.33 -12.38 14.39
CA ILE C 240 10.49 -11.21 14.63
C ILE C 240 11.14 -10.32 15.69
N ALA C 241 11.67 -10.94 16.75
CA ALA C 241 12.35 -10.18 17.80
C ALA C 241 13.45 -9.27 17.24
N GLU C 242 14.20 -9.76 16.27
CA GLU C 242 15.28 -8.94 15.71
C GLU C 242 14.77 -7.66 15.07
N ALA C 243 13.66 -7.74 14.32
CA ALA C 243 13.08 -6.55 13.74
C ALA C 243 12.62 -5.58 14.82
N VAL C 244 12.01 -6.10 15.88
CA VAL C 244 11.54 -5.25 16.96
C VAL C 244 12.70 -4.56 17.65
N ILE C 245 13.76 -5.31 17.91
CA ILE C 245 14.96 -4.71 18.52
C ILE C 245 15.53 -3.58 17.65
N PHE C 246 15.55 -3.77 16.33
CA PHE C 246 15.97 -2.67 15.47
C PHE C 246 15.09 -1.44 15.65
N LEU C 247 13.77 -1.63 15.55
CA LEU C 247 12.84 -0.50 15.67
C LEU C 247 12.91 0.20 17.02
N LEU C 248 13.22 -0.57 18.07
CA LEU C 248 13.39 0.00 19.41
C LEU C 248 14.67 0.83 19.57
N SER C 249 15.67 0.55 18.74
CA SER C 249 17.01 1.12 18.95
C SER C 249 17.12 2.53 18.39
N ASP C 250 18.07 3.29 18.91
CA ASP C 250 18.30 4.64 18.40
C ASP C 250 18.94 4.65 17.01
N GLN C 251 19.39 3.49 16.54
CA GLN C 251 19.86 3.41 15.16
C GLN C 251 18.69 3.59 14.20
N ALA C 252 17.48 3.36 14.70
CA ALA C 252 16.24 3.53 13.93
C ALA C 252 15.64 4.92 14.13
N ALA C 253 16.49 5.91 14.40
CA ALA C 253 16.02 7.25 14.76
C ALA C 253 15.10 7.94 13.74
N PHE C 254 15.23 7.59 12.46
CA PHE C 254 14.42 8.22 11.42
C PHE C 254 13.27 7.30 10.99
N VAL C 255 13.12 6.16 11.67
CA VAL C 255 12.04 5.24 11.33
C VAL C 255 10.84 5.48 12.24
N THR C 256 9.75 5.97 11.66
CA THR C 256 8.55 6.18 12.43
C THR C 256 7.35 6.12 11.48
N GLY C 257 6.25 5.54 11.95
CA GLY C 257 5.06 5.36 11.13
C GLY C 257 5.07 4.19 10.17
N ALA C 258 6.12 3.37 10.22
CA ALA C 258 6.32 2.30 9.26
C ALA C 258 5.53 1.05 9.65
N ALA C 259 5.00 0.39 8.63
CA ALA C 259 4.43 -0.95 8.78
C ALA C 259 5.46 -1.88 8.15
N PHE C 260 6.31 -2.44 9.00
CA PHE C 260 7.51 -3.17 8.57
C PHE C 260 7.18 -4.65 8.42
N ALA C 261 7.11 -5.10 7.17
CA ALA C 261 6.79 -6.50 6.88
C ALA C 261 7.99 -7.39 7.18
N VAL C 262 7.79 -8.32 8.11
CA VAL C 262 8.81 -9.31 8.47
C VAL C 262 8.14 -10.66 8.26
N ASP C 263 8.14 -11.11 7.01
CA ASP C 263 7.10 -12.06 6.61
C ASP C 263 7.53 -13.06 5.56
N GLY C 264 8.83 -13.20 5.37
CA GLY C 264 9.34 -14.16 4.41
C GLY C 264 8.89 -13.91 2.98
N GLY C 265 8.41 -12.69 2.70
CA GLY C 265 7.97 -12.31 1.37
C GLY C 265 6.48 -12.45 1.10
N MET C 266 5.71 -12.84 2.11
CA MET C 266 4.29 -13.11 1.93
C MET C 266 3.55 -11.97 1.23
N THR C 267 3.72 -10.75 1.74
CA THR C 267 2.97 -9.60 1.22
C THR C 267 3.60 -9.02 -0.04
N ALA C 268 4.70 -9.62 -0.49
CA ALA C 268 5.35 -9.17 -1.73
C ALA C 268 4.77 -9.85 -2.97
N ILE C 269 3.96 -10.89 -2.76
CA ILE C 269 3.34 -11.61 -3.87
C ILE C 269 1.83 -11.72 -3.72
N ASN D 17 -29.88 2.85 -16.40
CA ASN D 17 -30.40 1.64 -15.76
C ASN D 17 -29.30 0.70 -15.27
N ARG D 18 -28.21 1.27 -14.77
CA ARG D 18 -27.07 0.45 -14.37
C ARG D 18 -27.36 -0.44 -13.17
N LEU D 19 -28.42 -0.12 -12.43
CA LEU D 19 -28.79 -0.95 -11.27
C LEU D 19 -30.22 -1.49 -11.39
N LYS D 20 -30.67 -1.71 -12.62
CA LYS D 20 -31.97 -2.33 -12.85
C LYS D 20 -32.08 -3.66 -12.11
N ASN D 21 -33.21 -3.86 -11.44
CA ASN D 21 -33.44 -5.07 -10.66
C ASN D 21 -32.50 -5.26 -9.48
N GLU D 22 -31.78 -4.22 -9.08
CA GLU D 22 -30.99 -4.31 -7.85
C GLU D 22 -31.81 -3.79 -6.68
N VAL D 23 -31.51 -4.31 -5.49
CA VAL D 23 -32.22 -3.96 -4.26
C VAL D 23 -31.13 -3.67 -3.25
N ILE D 24 -30.98 -2.40 -2.88
CA ILE D 24 -29.82 -1.95 -2.12
C ILE D 24 -30.22 -1.39 -0.77
N ALA D 25 -29.64 -1.92 0.31
CA ALA D 25 -29.83 -1.38 1.65
C ALA D 25 -28.64 -0.49 1.97
N ILE D 26 -28.92 0.69 2.51
CA ILE D 26 -27.88 1.67 2.80
C ILE D 26 -27.95 2.09 4.26
N THR D 27 -27.00 1.64 5.08
CA THR D 27 -26.98 2.10 6.47
C THR D 27 -26.54 3.56 6.53
N GLY D 28 -27.07 4.32 7.49
CA GLY D 28 -26.82 5.75 7.54
C GLY D 28 -27.38 6.47 6.32
N GLY D 29 -28.42 5.87 5.73
CA GLY D 29 -28.96 6.37 4.47
C GLY D 29 -29.85 7.60 4.56
N GLY D 30 -30.10 8.10 5.76
CA GLY D 30 -31.06 9.19 5.92
C GLY D 30 -30.51 10.56 5.57
N ALA D 31 -29.18 10.67 5.49
CA ALA D 31 -28.56 11.97 5.24
C ALA D 31 -27.14 11.81 4.71
N GLY D 32 -26.55 12.91 4.29
CA GLY D 32 -25.15 12.92 3.88
C GLY D 32 -24.83 12.03 2.69
N ILE D 33 -23.69 11.35 2.76
CA ILE D 33 -23.25 10.52 1.67
C ILE D 33 -24.24 9.38 1.42
N GLY D 34 -24.78 8.81 2.50
CA GLY D 34 -25.70 7.70 2.38
C GLY D 34 -26.89 8.10 1.54
N LEU D 35 -27.41 9.30 1.79
CA LEU D 35 -28.55 9.80 1.05
C LEU D 35 -28.21 10.05 -0.41
N ALA D 36 -27.00 10.56 -0.68
CA ALA D 36 -26.58 10.78 -2.05
C ALA D 36 -26.49 9.44 -2.81
N ILE D 37 -25.99 8.42 -2.12
CA ILE D 37 -25.96 7.07 -2.68
C ILE D 37 -27.36 6.60 -3.05
N ALA D 38 -28.31 6.81 -2.13
CA ALA D 38 -29.70 6.45 -2.40
C ALA D 38 -30.23 7.11 -3.66
N SER D 39 -29.99 8.42 -3.77
CA SER D 39 -30.48 9.17 -4.94
C SER D 39 -29.90 8.63 -6.25
N ALA D 40 -28.59 8.36 -6.27
CA ALA D 40 -27.95 7.90 -7.48
C ALA D 40 -28.37 6.47 -7.81
N ALA D 41 -28.57 5.65 -6.78
CA ALA D 41 -28.98 4.27 -7.00
C ALA D 41 -30.39 4.24 -7.60
N LEU D 42 -31.27 5.10 -7.10
CA LEU D 42 -32.63 5.22 -7.66
C LEU D 42 -32.57 5.73 -9.10
N ARG D 43 -31.68 6.68 -9.36
CA ARG D 43 -31.46 7.15 -10.73
C ARG D 43 -31.15 6.00 -11.68
N GLU D 44 -30.38 5.04 -11.19
CA GLU D 44 -29.95 3.90 -12.00
C GLU D 44 -30.92 2.72 -11.93
N GLY D 45 -32.10 2.95 -11.37
CA GLY D 45 -33.16 1.95 -11.41
C GLY D 45 -33.28 0.97 -10.26
N ALA D 46 -32.47 1.13 -9.21
CA ALA D 46 -32.56 0.25 -8.06
C ALA D 46 -33.76 0.58 -7.17
N LYS D 47 -34.15 -0.36 -6.32
CA LYS D 47 -35.00 -0.06 -5.18
C LYS D 47 -34.08 0.06 -3.98
N VAL D 48 -34.36 1.00 -3.07
CA VAL D 48 -33.46 1.24 -1.95
C VAL D 48 -34.15 1.21 -0.59
N ALA D 49 -33.40 0.76 0.41
CA ALA D 49 -33.83 0.85 1.81
C ALA D 49 -32.83 1.73 2.53
N LEU D 50 -33.34 2.79 3.14
CA LEU D 50 -32.52 3.64 3.98
C LEU D 50 -32.64 3.12 5.40
N ILE D 51 -31.53 2.73 6.00
CA ILE D 51 -31.57 2.25 7.38
C ILE D 51 -30.71 3.19 8.20
N ASP D 52 -31.34 3.93 9.12
CA ASP D 52 -30.63 5.00 9.83
C ASP D 52 -30.93 4.92 11.31
N LEU D 53 -29.95 5.30 12.13
CA LEU D 53 -30.16 5.42 13.58
C LEU D 53 -31.36 6.28 13.88
N ASP D 54 -31.52 7.33 13.08
CA ASP D 54 -32.65 8.25 13.19
C ASP D 54 -33.77 7.73 12.29
N GLN D 55 -34.76 7.07 12.90
CA GLN D 55 -35.82 6.43 12.15
C GLN D 55 -36.66 7.43 11.37
N GLY D 56 -37.04 8.52 12.03
CA GLY D 56 -37.87 9.55 11.40
C GLY D 56 -37.19 10.11 10.16
N LEU D 57 -35.89 10.38 10.28
CA LEU D 57 -35.09 10.87 9.17
C LEU D 57 -35.08 9.87 8.01
N ALA D 58 -34.86 8.60 8.31
CA ALA D 58 -34.90 7.56 7.28
C ALA D 58 -36.25 7.57 6.55
N GLU D 59 -37.33 7.67 7.32
CA GLU D 59 -38.68 7.72 6.75
C GLU D 59 -38.91 8.96 5.89
N ARG D 60 -38.52 10.12 6.40
CA ARG D 60 -38.72 11.36 5.65
C ARG D 60 -37.90 11.38 4.37
N SER D 61 -36.64 10.97 4.48
CA SER D 61 -35.79 10.93 3.29
C SER D 61 -36.32 9.94 2.26
N ALA D 62 -36.81 8.79 2.71
CA ALA D 62 -37.34 7.80 1.79
C ALA D 62 -38.58 8.34 1.05
N ALA D 63 -39.44 9.02 1.80
CA ALA D 63 -40.64 9.60 1.21
C ALA D 63 -40.27 10.65 0.16
N MET D 64 -39.29 11.49 0.49
CA MET D 64 -38.82 12.54 -0.42
C MET D 64 -38.31 11.95 -1.73
N LEU D 65 -37.63 10.81 -1.64
CA LEU D 65 -37.02 10.17 -2.80
C LEU D 65 -38.01 9.37 -3.65
N SER D 66 -39.17 9.04 -3.08
CA SER D 66 -40.12 8.16 -3.76
C SER D 66 -41.07 8.91 -4.69
N THR D 67 -40.50 9.53 -5.71
CA THR D 67 -41.27 10.25 -6.71
C THR D 67 -40.92 9.70 -8.08
N GLY D 68 -41.78 9.95 -9.06
CA GLY D 68 -41.54 9.50 -10.42
C GLY D 68 -41.41 8.00 -10.56
N GLY D 69 -41.99 7.25 -9.62
CA GLY D 69 -41.96 5.80 -9.68
C GLY D 69 -40.81 5.18 -8.90
N ALA D 70 -39.92 6.02 -8.39
CA ALA D 70 -38.79 5.52 -7.59
C ALA D 70 -39.30 4.90 -6.30
N VAL D 71 -38.68 3.78 -5.90
CA VAL D 71 -39.08 3.07 -4.69
C VAL D 71 -37.98 3.12 -3.63
N ALA D 72 -38.24 3.90 -2.57
CA ALA D 72 -37.35 4.03 -1.44
C ALA D 72 -38.15 3.84 -0.16
N LYS D 73 -37.62 3.05 0.77
CA LYS D 73 -38.30 2.80 2.03
C LYS D 73 -37.34 3.10 3.17
N GLY D 74 -37.85 3.61 4.30
CA GLY D 74 -37.00 3.93 5.43
C GLY D 74 -37.22 3.06 6.65
N PHE D 75 -36.15 2.76 7.37
CA PHE D 75 -36.21 1.95 8.58
C PHE D 75 -35.25 2.49 9.63
N GLY D 76 -35.62 2.32 10.89
CA GLY D 76 -34.76 2.74 11.99
C GLY D 76 -33.97 1.56 12.53
N ALA D 77 -32.66 1.76 12.70
CA ALA D 77 -31.79 0.78 13.33
C ALA D 77 -30.42 1.37 13.68
N ASP D 78 -29.96 1.02 14.87
CA ASP D 78 -28.57 1.26 15.26
C ASP D 78 -27.78 0.06 14.77
N VAL D 79 -26.82 0.29 13.86
CA VAL D 79 -26.05 -0.82 13.30
C VAL D 79 -25.21 -1.57 14.34
N THR D 80 -25.03 -0.99 15.52
CA THR D 80 -24.28 -1.65 16.60
C THR D 80 -25.18 -2.58 17.42
N LYS D 81 -26.48 -2.57 17.13
CA LYS D 81 -27.40 -3.44 17.84
C LYS D 81 -27.87 -4.55 16.91
N ALA D 82 -27.35 -5.75 17.11
CA ALA D 82 -27.57 -6.85 16.16
C ALA D 82 -29.05 -7.13 15.89
N ALA D 83 -29.87 -7.13 16.93
CA ALA D 83 -31.30 -7.40 16.76
C ALA D 83 -31.97 -6.32 15.92
N ASP D 84 -31.57 -5.07 16.12
CA ASP D 84 -32.19 -3.97 15.40
C ASP D 84 -31.82 -3.97 13.92
N ILE D 85 -30.53 -4.14 13.62
CA ILE D 85 -30.12 -4.11 12.22
C ILE D 85 -30.64 -5.33 11.47
N THR D 86 -30.71 -6.47 12.16
CA THR D 86 -31.28 -7.68 11.57
C THR D 86 -32.77 -7.46 11.25
N ALA D 87 -33.51 -6.88 12.20
CA ALA D 87 -34.94 -6.62 11.96
C ALA D 87 -35.17 -5.68 10.78
N ALA D 88 -34.34 -4.64 10.68
CA ALA D 88 -34.44 -3.67 9.60
C ALA D 88 -34.19 -4.31 8.24
N ILE D 89 -33.15 -5.14 8.13
CA ILE D 89 -32.86 -5.81 6.87
C ILE D 89 -34.00 -6.75 6.48
N THR D 90 -34.55 -7.47 7.46
CA THR D 90 -35.69 -8.34 7.20
C THR D 90 -36.91 -7.57 6.73
N SER D 91 -37.20 -6.46 7.40
CA SER D 91 -38.34 -5.62 7.02
C SER D 91 -38.13 -5.03 5.63
N ALA D 92 -36.90 -4.63 5.34
CA ALA D 92 -36.58 -4.08 4.02
C ALA D 92 -36.87 -5.12 2.95
N GLU D 93 -36.43 -6.34 3.17
CA GLU D 93 -36.59 -7.39 2.18
C GLU D 93 -38.07 -7.75 1.98
N GLN D 94 -38.86 -7.68 3.04
CA GLN D 94 -40.30 -7.90 2.92
C GLN D 94 -40.94 -6.86 2.01
N THR D 95 -40.43 -5.65 2.08
CA THR D 95 -41.02 -4.49 1.41
C THR D 95 -40.53 -4.30 -0.03
N ILE D 96 -39.22 -4.46 -0.25
CA ILE D 96 -38.66 -4.19 -1.58
C ILE D 96 -37.95 -5.37 -2.26
N GLY D 97 -37.94 -6.52 -1.60
CA GLY D 97 -37.34 -7.70 -2.21
C GLY D 97 -36.01 -8.10 -1.58
N SER D 98 -35.57 -9.31 -1.88
CA SER D 98 -34.28 -9.81 -1.37
C SER D 98 -33.15 -8.85 -1.75
N LEU D 99 -32.25 -8.57 -0.82
CA LEU D 99 -31.14 -7.65 -1.11
C LEU D 99 -30.20 -8.21 -2.16
N THR D 100 -29.76 -7.34 -3.07
CA THR D 100 -28.65 -7.66 -3.94
C THR D 100 -27.42 -6.85 -3.55
N GLY D 101 -27.64 -5.77 -2.82
CA GLY D 101 -26.51 -4.95 -2.36
C GLY D 101 -26.69 -4.36 -0.97
N LEU D 102 -25.57 -4.15 -0.29
CA LEU D 102 -25.52 -3.50 1.03
C LEU D 102 -24.41 -2.48 1.03
N VAL D 103 -24.72 -1.27 1.48
CA VAL D 103 -23.70 -0.23 1.64
C VAL D 103 -23.57 0.07 3.13
N ASN D 104 -22.43 -0.26 3.70
CA ASN D 104 -22.16 -0.01 5.11
C ASN D 104 -21.62 1.40 5.28
N ASN D 105 -22.51 2.37 5.07
CA ASN D 105 -22.15 3.78 5.07
C ASN D 105 -22.18 4.40 6.48
N ALA D 106 -22.99 3.85 7.38
CA ALA D 106 -23.05 4.39 8.74
C ALA D 106 -21.67 4.48 9.39
N GLY D 107 -21.37 5.64 9.97
CA GLY D 107 -20.13 5.83 10.68
C GLY D 107 -20.23 7.08 11.52
N ILE D 108 -19.36 7.18 12.51
CA ILE D 108 -19.22 8.43 13.26
C ILE D 108 -17.74 8.75 13.36
N ALA D 109 -17.42 10.00 13.67
CA ALA D 109 -16.03 10.41 13.84
C ALA D 109 -15.94 11.20 15.12
N GLY D 110 -14.71 11.49 15.53
CA GLY D 110 -14.48 12.32 16.71
C GLY D 110 -12.99 12.49 16.85
N PHE D 111 -12.59 13.34 17.80
CA PHE D 111 -11.20 13.68 18.00
C PHE D 111 -10.68 13.10 19.30
N GLY D 112 -9.36 12.90 19.35
CA GLY D 112 -8.71 12.35 20.52
C GLY D 112 -7.48 11.58 20.06
N SER D 113 -6.35 11.84 20.71
CA SER D 113 -5.12 11.12 20.40
C SER D 113 -5.00 9.95 21.36
N VAL D 114 -4.04 9.06 21.13
CA VAL D 114 -3.87 7.90 22.01
C VAL D 114 -3.67 8.31 23.48
N HIS D 115 -2.94 9.39 23.71
CA HIS D 115 -2.57 9.77 25.07
C HIS D 115 -3.72 10.37 25.87
N ASP D 116 -4.75 10.87 25.18
CA ASP D 116 -5.81 11.63 25.84
C ASP D 116 -7.24 11.22 25.47
N ALA D 117 -7.38 10.25 24.57
CA ALA D 117 -8.70 9.86 24.12
C ALA D 117 -9.46 9.18 25.24
N ASP D 118 -10.76 9.50 25.32
CA ASP D 118 -11.62 8.82 26.27
C ASP D 118 -11.97 7.43 25.78
N ALA D 119 -11.89 6.44 26.68
CA ALA D 119 -12.14 5.05 26.32
C ALA D 119 -13.56 4.78 25.87
N ALA D 120 -14.54 5.45 26.47
CA ALA D 120 -15.92 5.24 26.06
C ALA D 120 -16.16 5.76 24.64
N ALA D 121 -15.60 6.93 24.35
CA ALA D 121 -15.72 7.54 23.02
C ALA D 121 -15.01 6.68 21.98
N TRP D 122 -13.84 6.17 22.36
CA TRP D 122 -13.08 5.24 21.52
C TRP D 122 -13.95 4.05 21.15
N ASP D 123 -14.57 3.43 22.15
CA ASP D 123 -15.37 2.25 21.92
C ASP D 123 -16.57 2.55 21.02
N ARG D 124 -17.17 3.72 21.19
CA ARG D 124 -18.32 4.06 20.37
C ARG D 124 -17.95 4.28 18.90
N ILE D 125 -16.82 4.94 18.66
CA ILE D 125 -16.31 5.12 17.30
C ILE D 125 -16.00 3.77 16.67
N MET D 126 -15.34 2.89 17.43
CA MET D 126 -15.02 1.57 16.91
C MET D 126 -16.29 0.77 16.63
N ALA D 127 -17.27 0.91 17.51
CA ALA D 127 -18.50 0.15 17.37
C ALA D 127 -19.32 0.53 16.13
N VAL D 128 -19.62 1.81 15.94
CA VAL D 128 -20.47 2.21 14.83
C VAL D 128 -19.81 1.84 13.51
N ASN D 129 -18.53 2.16 13.40
CA ASN D 129 -17.80 1.90 12.18
C ASN D 129 -17.53 0.41 11.95
N VAL D 130 -16.77 -0.20 12.85
CA VAL D 130 -16.31 -1.56 12.64
C VAL D 130 -17.39 -2.58 12.99
N THR D 131 -17.90 -2.52 14.22
CA THR D 131 -18.90 -3.50 14.63
C THR D 131 -20.17 -3.37 13.79
N GLY D 132 -20.54 -2.14 13.43
CA GLY D 132 -21.69 -1.94 12.57
C GLY D 132 -21.51 -2.57 11.20
N THR D 133 -20.33 -2.40 10.61
CA THR D 133 -20.01 -3.06 9.34
C THR D 133 -20.12 -4.59 9.47
N PHE D 134 -19.58 -5.12 10.55
CA PHE D 134 -19.68 -6.55 10.87
C PHE D 134 -21.13 -7.01 10.98
N LEU D 135 -21.90 -6.39 11.87
CA LEU D 135 -23.26 -6.85 12.15
C LEU D 135 -24.20 -6.72 10.96
N ALA D 136 -24.11 -5.61 10.25
CA ALA D 136 -25.00 -5.40 9.10
C ALA D 136 -24.66 -6.39 7.99
N SER D 137 -23.36 -6.61 7.78
CA SER D 137 -22.91 -7.56 6.77
C SER D 137 -23.34 -8.96 7.16
N LYS D 138 -23.20 -9.30 8.43
CA LYS D 138 -23.60 -10.63 8.91
C LYS D 138 -25.09 -10.88 8.62
N ALA D 139 -25.93 -9.89 8.90
CA ALA D 139 -27.37 -10.04 8.67
C ALA D 139 -27.65 -10.19 7.19
N ALA D 140 -27.00 -9.38 6.36
CA ALA D 140 -27.21 -9.47 4.90
C ALA D 140 -26.66 -10.73 4.26
N LEU D 141 -25.56 -11.27 4.82
CA LEU D 141 -24.87 -12.37 4.17
C LEU D 141 -25.67 -13.69 4.19
N ALA D 142 -26.55 -13.87 5.16
CA ALA D 142 -27.34 -15.10 5.19
C ALA D 142 -28.09 -15.27 3.88
N GLY D 143 -28.86 -14.25 3.51
CA GLY D 143 -29.58 -14.26 2.25
C GLY D 143 -28.66 -14.22 1.02
N MET D 144 -27.68 -13.31 1.02
CA MET D 144 -26.81 -13.18 -0.14
C MET D 144 -26.06 -14.48 -0.47
N LEU D 145 -25.55 -15.15 0.56
CA LEU D 145 -24.82 -16.40 0.35
C LEU D 145 -25.77 -17.51 -0.07
N GLU D 146 -26.96 -17.52 0.50
CA GLU D 146 -27.95 -18.51 0.08
C GLU D 146 -28.24 -18.37 -1.42
N ARG D 147 -28.27 -17.13 -1.91
CA ARG D 147 -28.59 -16.88 -3.31
C ARG D 147 -27.35 -16.87 -4.21
N HIS D 148 -26.17 -17.03 -3.60
CA HIS D 148 -24.89 -16.91 -4.29
C HIS D 148 -24.80 -15.61 -5.09
N LYS D 149 -25.31 -14.53 -4.51
CA LYS D 149 -25.28 -13.25 -5.20
C LYS D 149 -25.37 -12.07 -4.24
N GLY D 150 -24.38 -11.19 -4.30
CA GLY D 150 -24.43 -9.96 -3.54
C GLY D 150 -23.26 -9.06 -3.84
N THR D 151 -23.38 -7.81 -3.42
CA THR D 151 -22.26 -6.89 -3.49
C THR D 151 -22.34 -6.02 -2.23
N ILE D 152 -21.21 -5.90 -1.53
CA ILE D 152 -21.16 -5.12 -0.30
C ILE D 152 -20.11 -4.02 -0.48
N VAL D 153 -20.50 -2.80 -0.18
CA VAL D 153 -19.57 -1.67 -0.23
C VAL D 153 -19.38 -1.14 1.19
N ASN D 154 -18.17 -1.26 1.71
CA ASN D 154 -17.84 -0.72 3.01
C ASN D 154 -17.26 0.67 2.89
N PHE D 155 -17.26 1.40 4.00
CA PHE D 155 -16.76 2.75 4.01
C PHE D 155 -15.47 2.90 4.81
N GLY D 156 -14.37 2.91 4.08
CA GLY D 156 -13.10 3.36 4.62
C GLY D 156 -13.07 4.88 4.57
N SER D 157 -11.87 5.41 4.35
CA SER D 157 -11.60 6.84 4.30
C SER D 157 -10.13 6.98 3.95
N VAL D 158 -9.72 8.17 3.52
CA VAL D 158 -8.30 8.46 3.54
C VAL D 158 -7.78 8.22 4.97
N ALA D 159 -8.65 8.40 5.98
CA ALA D 159 -8.27 8.24 7.38
C ALA D 159 -8.12 6.77 7.75
N GLY D 160 -8.43 5.87 6.82
CA GLY D 160 -8.22 4.45 7.03
C GLY D 160 -6.97 3.97 6.32
N LEU D 161 -6.40 4.84 5.50
CA LEU D 161 -5.21 4.51 4.71
C LEU D 161 -3.95 5.19 5.24
N VAL D 162 -4.10 6.40 5.75
CA VAL D 162 -3.00 7.11 6.42
C VAL D 162 -3.46 7.65 7.78
N GLY D 163 -2.49 8.16 8.54
CA GLY D 163 -2.77 8.73 9.85
C GLY D 163 -3.22 10.17 9.76
N ILE D 164 -4.24 10.51 10.54
CA ILE D 164 -4.75 11.87 10.63
C ILE D 164 -4.49 12.37 12.05
N PRO D 165 -3.86 13.55 12.18
CA PRO D 165 -3.59 14.05 13.53
C PRO D 165 -4.85 14.15 14.39
N THR D 166 -4.73 13.74 15.66
CA THR D 166 -5.79 13.87 16.66
C THR D 166 -7.06 13.02 16.41
N MET D 167 -6.95 11.99 15.57
CA MET D 167 -8.10 11.10 15.33
C MET D 167 -7.71 9.64 15.48
N ALA D 168 -7.27 9.26 16.69
CA ALA D 168 -6.80 7.90 16.92
C ALA D 168 -7.87 6.82 16.71
N ALA D 169 -9.01 6.93 17.41
CA ALA D 169 -10.04 5.89 17.29
C ALA D 169 -10.58 5.79 15.86
N TYR D 170 -10.77 6.95 15.22
CA TYR D 170 -11.36 6.97 13.90
C TYR D 170 -10.40 6.35 12.87
N CYS D 171 -9.11 6.65 13.00
CA CYS D 171 -8.12 6.09 12.09
C CYS D 171 -7.99 4.58 12.31
N ALA D 172 -8.12 4.14 13.56
CA ALA D 172 -8.10 2.72 13.86
C ALA D 172 -9.32 2.03 13.24
N ALA D 173 -10.48 2.66 13.42
CA ALA D 173 -11.73 2.11 12.93
C ALA D 173 -11.73 2.01 11.41
N LYS D 174 -11.35 3.09 10.74
CA LYS D 174 -11.33 3.05 9.29
C LYS D 174 -10.25 2.11 8.76
N GLY D 175 -9.12 2.01 9.47
CA GLY D 175 -8.08 1.06 9.13
C GLY D 175 -8.62 -0.37 9.22
N ALA D 176 -9.41 -0.63 10.27
CA ALA D 176 -10.03 -1.94 10.43
C ALA D 176 -10.94 -2.26 9.25
N ILE D 177 -11.77 -1.30 8.86
CA ILE D 177 -12.69 -1.51 7.74
C ILE D 177 -11.95 -1.81 6.45
N VAL D 178 -10.86 -1.09 6.19
CA VAL D 178 -10.09 -1.33 4.97
C VAL D 178 -9.60 -2.77 4.90
N ASN D 179 -9.01 -3.29 5.97
CA ASN D 179 -8.52 -4.68 5.88
C ASN D 179 -9.63 -5.72 6.06
N LEU D 180 -10.67 -5.40 6.83
CA LEU D 180 -11.81 -6.29 6.96
C LEU D 180 -12.43 -6.53 5.59
N THR D 181 -12.42 -5.48 4.76
CA THR D 181 -12.91 -5.58 3.39
C THR D 181 -12.13 -6.63 2.59
N ARG D 182 -10.80 -6.59 2.70
CA ARG D 182 -9.98 -7.58 2.03
C ARG D 182 -10.32 -8.98 2.54
N GLN D 183 -10.49 -9.09 3.85
CA GLN D 183 -10.77 -10.40 4.46
C GLN D 183 -12.11 -10.95 3.98
N MET D 184 -13.13 -10.09 3.97
CA MET D 184 -14.44 -10.46 3.46
C MET D 184 -14.40 -10.88 2.00
N ALA D 185 -13.68 -10.13 1.18
CA ALA D 185 -13.50 -10.50 -0.21
C ALA D 185 -12.83 -11.87 -0.34
N ALA D 186 -11.87 -12.16 0.53
CA ALA D 186 -11.20 -13.46 0.52
C ALA D 186 -12.19 -14.59 0.78
N ASP D 187 -13.10 -14.37 1.71
CA ASP D 187 -14.08 -15.41 2.06
C ASP D 187 -15.17 -15.59 1.01
N TYR D 188 -15.67 -14.48 0.47
CA TYR D 188 -16.95 -14.51 -0.25
C TYR D 188 -16.94 -14.27 -1.76
N SER D 189 -15.86 -13.77 -2.31
CA SER D 189 -15.84 -13.44 -3.74
C SER D 189 -16.16 -14.67 -4.58
N GLY D 190 -15.65 -15.82 -4.17
CA GLY D 190 -15.87 -17.07 -4.87
C GLY D 190 -17.24 -17.67 -4.63
N ARG D 191 -17.95 -17.12 -3.64
CA ARG D 191 -19.28 -17.58 -3.27
C ARG D 191 -20.36 -16.64 -3.80
N GLY D 192 -19.96 -15.70 -4.66
CA GLY D 192 -20.91 -14.87 -5.36
C GLY D 192 -21.14 -13.51 -4.76
N VAL D 193 -20.37 -13.16 -3.73
CA VAL D 193 -20.54 -11.86 -3.08
C VAL D 193 -19.26 -11.04 -3.16
N ARG D 194 -19.28 -9.97 -3.93
CA ARG D 194 -18.15 -9.05 -4.01
C ARG D 194 -18.18 -8.14 -2.80
N VAL D 195 -17.00 -7.80 -2.29
CA VAL D 195 -16.89 -6.88 -1.16
C VAL D 195 -15.76 -5.88 -1.42
N ASN D 196 -16.09 -4.60 -1.38
CA ASN D 196 -15.14 -3.53 -1.70
C ASN D 196 -15.30 -2.40 -0.70
N ALA D 197 -14.32 -1.53 -0.63
CA ALA D 197 -14.41 -0.37 0.25
C ALA D 197 -14.17 0.88 -0.56
N VAL D 198 -15.05 1.87 -0.41
CA VAL D 198 -14.73 3.20 -0.93
C VAL D 198 -13.97 3.92 0.17
N CYS D 199 -12.91 4.64 -0.20
CA CYS D 199 -12.13 5.41 0.76
C CYS D 199 -12.19 6.88 0.38
N PRO D 200 -13.20 7.59 0.90
CA PRO D 200 -13.39 8.98 0.49
C PRO D 200 -12.41 9.91 1.15
N GLY D 201 -12.08 10.98 0.44
CA GLY D 201 -11.44 12.13 1.05
C GLY D 201 -12.50 12.95 1.75
N THR D 202 -12.05 14.04 2.37
CA THR D 202 -12.92 14.97 3.06
C THR D 202 -14.10 15.42 2.21
N VAL D 203 -15.29 15.31 2.80
CA VAL D 203 -16.52 15.85 2.19
C VAL D 203 -17.12 16.84 3.19
N THR D 204 -17.00 18.11 2.86
CA THR D 204 -17.33 19.23 3.74
C THR D 204 -18.80 19.34 4.14
N SER D 205 -19.69 19.06 3.20
CA SER D 205 -21.06 19.55 3.33
C SER D 205 -22.00 18.70 4.20
N THR D 206 -21.54 17.53 4.64
CA THR D 206 -22.39 16.66 5.42
C THR D 206 -22.36 17.04 6.89
N GLY D 207 -23.21 16.40 7.68
CA GLY D 207 -23.21 16.58 9.11
C GLY D 207 -21.85 16.27 9.71
N MET D 208 -21.24 15.17 9.27
CA MET D 208 -19.92 14.83 9.77
C MET D 208 -18.90 15.86 9.32
N GLY D 209 -19.00 16.26 8.05
CA GLY D 209 -18.09 17.25 7.50
C GLY D 209 -18.12 18.54 8.31
N GLN D 210 -19.32 18.97 8.66
CA GLN D 210 -19.50 20.20 9.46
C GLN D 210 -19.00 20.01 10.89
N GLN D 211 -19.31 18.85 11.46
CA GLN D 211 -18.88 18.51 12.81
C GLN D 211 -17.37 18.65 12.94
N LEU D 212 -16.65 18.15 11.94
CA LEU D 212 -15.18 18.10 12.02
C LEU D 212 -14.47 19.41 11.64
N LEU D 213 -15.23 20.40 11.16
CA LEU D 213 -14.63 21.70 10.84
C LEU D 213 -14.21 22.44 12.10
N GLN D 222 -6.53 24.40 7.69
CA GLN D 222 -7.73 24.77 6.96
C GLN D 222 -7.45 24.88 5.48
N ALA D 223 -6.80 25.98 5.09
CA ALA D 223 -6.15 26.05 3.79
C ALA D 223 -5.03 25.02 3.81
N ARG D 224 -4.52 24.75 5.01
CA ARG D 224 -3.56 23.69 5.23
C ARG D 224 -4.21 22.34 4.93
N ARG D 225 -5.46 22.20 5.33
CA ARG D 225 -6.19 20.96 5.07
C ARG D 225 -6.41 20.79 3.57
N LEU D 226 -6.82 21.88 2.92
CA LEU D 226 -7.08 21.86 1.49
C LEU D 226 -5.80 21.54 0.70
N ALA D 227 -4.66 21.93 1.23
CA ALA D 227 -3.39 21.70 0.55
C ALA D 227 -3.02 20.22 0.45
N LYS D 228 -3.71 19.38 1.23
CA LYS D 228 -3.50 17.94 1.19
C LYS D 228 -4.19 17.29 -0.02
N TYR D 229 -4.97 18.09 -0.75
CA TYR D 229 -5.79 17.61 -1.88
C TYR D 229 -5.30 18.19 -3.20
N PRO D 230 -4.56 17.38 -3.98
CA PRO D 230 -4.04 17.86 -5.27
C PRO D 230 -5.11 18.48 -6.16
N ILE D 231 -6.33 17.93 -6.15
CA ILE D 231 -7.39 18.43 -7.02
C ILE D 231 -7.83 19.86 -6.69
N GLY D 232 -7.52 20.34 -5.49
CA GLY D 232 -7.76 21.74 -5.16
C GLY D 232 -9.14 22.03 -4.59
N ARG D 233 -9.87 20.98 -4.23
CA ARG D 233 -11.18 21.11 -3.60
C ARG D 233 -11.46 19.86 -2.78
N PHE D 234 -12.40 19.97 -1.86
CA PHE D 234 -12.89 18.80 -1.14
C PHE D 234 -13.97 18.09 -1.95
N GLY D 235 -14.36 16.91 -1.48
CA GLY D 235 -15.35 16.12 -2.21
C GLY D 235 -16.78 16.52 -1.91
N THR D 236 -17.70 16.12 -2.79
CA THR D 236 -19.12 16.27 -2.52
C THR D 236 -19.71 14.90 -2.25
N PRO D 237 -20.89 14.87 -1.59
CA PRO D 237 -21.53 13.56 -1.40
C PRO D 237 -21.79 12.85 -2.73
N GLU D 238 -22.09 13.63 -3.77
CA GLU D 238 -22.36 13.07 -5.09
C GLU D 238 -21.11 12.41 -5.69
N ASP D 239 -19.95 13.04 -5.49
CA ASP D 239 -18.68 12.47 -5.94
C ASP D 239 -18.52 11.07 -5.40
N ILE D 240 -18.79 10.92 -4.10
CA ILE D 240 -18.58 9.64 -3.46
C ILE D 240 -19.64 8.65 -3.92
N ALA D 241 -20.89 9.13 -3.99
CA ALA D 241 -22.01 8.29 -4.42
C ALA D 241 -21.76 7.63 -5.78
N GLU D 242 -21.15 8.35 -6.72
CA GLU D 242 -20.92 7.77 -8.04
C GLU D 242 -19.98 6.57 -7.98
N ALA D 243 -18.93 6.66 -7.16
CA ALA D 243 -18.02 5.53 -7.00
C ALA D 243 -18.73 4.33 -6.37
N VAL D 244 -19.60 4.59 -5.40
CA VAL D 244 -20.35 3.51 -4.78
C VAL D 244 -21.29 2.83 -5.79
N ILE D 245 -21.98 3.64 -6.60
CA ILE D 245 -22.87 3.10 -7.61
C ILE D 245 -22.09 2.23 -8.61
N PHE D 246 -20.88 2.68 -8.98
CA PHE D 246 -20.08 1.83 -9.86
C PHE D 246 -19.79 0.48 -9.20
N LEU D 247 -19.32 0.51 -7.97
CA LEU D 247 -18.98 -0.72 -7.26
C LEU D 247 -20.17 -1.66 -7.04
N LEU D 248 -21.36 -1.09 -6.82
CA LEU D 248 -22.59 -1.86 -6.69
C LEU D 248 -23.02 -2.55 -7.98
N SER D 249 -22.63 -1.97 -9.12
CA SER D 249 -23.17 -2.39 -10.42
C SER D 249 -22.49 -3.64 -10.97
N ASP D 250 -23.18 -4.36 -11.85
CA ASP D 250 -22.59 -5.54 -12.47
C ASP D 250 -21.52 -5.21 -13.50
N GLN D 251 -21.34 -3.92 -13.81
CA GLN D 251 -20.23 -3.52 -14.67
C GLN D 251 -18.91 -3.63 -13.90
N ALA D 252 -19.02 -3.73 -12.58
CA ALA D 252 -17.88 -3.95 -11.70
C ALA D 252 -17.75 -5.43 -11.28
N ALA D 253 -18.14 -6.34 -12.16
CA ALA D 253 -18.20 -7.76 -11.83
C ALA D 253 -16.87 -8.38 -11.38
N PHE D 254 -15.75 -7.79 -11.80
CA PHE D 254 -14.43 -8.33 -11.49
C PHE D 254 -13.78 -7.51 -10.38
N VAL D 255 -14.51 -6.51 -9.86
CA VAL D 255 -13.94 -5.69 -8.80
C VAL D 255 -14.34 -6.22 -7.43
N THR D 256 -13.37 -6.72 -6.68
CA THR D 256 -13.63 -7.23 -5.34
C THR D 256 -12.35 -7.16 -4.50
N GLY D 257 -12.52 -6.86 -3.22
CA GLY D 257 -11.37 -6.66 -2.33
C GLY D 257 -10.67 -5.32 -2.45
N ALA D 258 -11.20 -4.44 -3.29
CA ALA D 258 -10.53 -3.17 -3.58
C ALA D 258 -10.77 -2.13 -2.49
N ALA D 259 -9.73 -1.36 -2.19
CA ALA D 259 -9.86 -0.17 -1.36
C ALA D 259 -9.71 1.00 -2.33
N PHE D 260 -10.85 1.48 -2.80
CA PHE D 260 -10.90 2.43 -3.90
C PHE D 260 -10.82 3.87 -3.37
N ALA D 261 -9.70 4.54 -3.62
CA ALA D 261 -9.53 5.92 -3.17
C ALA D 261 -10.32 6.89 -4.04
N VAL D 262 -11.28 7.58 -3.44
CA VAL D 262 -12.06 8.62 -4.11
C VAL D 262 -11.80 9.88 -3.30
N ASP D 263 -10.66 10.52 -3.58
CA ASP D 263 -10.09 11.41 -2.57
C ASP D 263 -9.34 12.60 -3.11
N GLY D 264 -9.60 12.97 -4.36
CA GLY D 264 -9.00 14.17 -4.91
C GLY D 264 -7.48 14.12 -4.99
N GLY D 265 -6.91 12.92 -4.90
CA GLY D 265 -5.47 12.74 -4.92
C GLY D 265 -4.78 12.71 -3.57
N MET D 266 -5.54 12.81 -2.48
CA MET D 266 -4.93 12.89 -1.15
C MET D 266 -3.90 11.78 -0.86
N THR D 267 -4.28 10.53 -1.11
CA THR D 267 -3.39 9.43 -0.77
C THR D 267 -2.33 9.17 -1.84
N ALA D 268 -2.37 9.94 -2.92
CA ALA D 268 -1.34 9.83 -3.96
C ALA D 268 -0.08 10.64 -3.65
N ILE D 269 -0.17 11.53 -2.66
CA ILE D 269 0.98 12.37 -2.31
C ILE D 269 1.36 12.23 -0.83
#